data_3WB0
#
_entry.id   3WB0
#
_cell.length_a   52.960
_cell.length_b   119.340
_cell.length_c   55.650
_cell.angle_alpha   90.000
_cell.angle_beta   115.140
_cell.angle_gamma   90.000
#
_symmetry.space_group_name_H-M   'P 1 21 1'
#
loop_
_entity.id
_entity.type
_entity.pdbx_description
1 polymer 'Uncharacterized protein MJ0488'
2 non-polymer "5'-O-[(S)-{[2-(carboxymethyl)-6-hydroxy-3,5-dimethylpyridin-4-yl]oxy}(hydroxy)phosphoryl]guanosine"
3 water water
#
_entity_poly.entity_id   1
_entity_poly.type   'polypeptide(L)'
_entity_poly.pdbx_seq_one_letter_code
;MVVMEEIIKKAFIESINNIRRGDKEEELKKIQEKIVNAKKIVVATNNQKKFKVIRDIMLRVCNAEIKMLDIDTRFADLTR
MPALTKGLIALDIEKADLYIARGRLGAPGSGSMLVILDEKGRVLTASLSPSSVIHKEDIEERIKKELIEALSRIGISILE
HHHHHH
;
_entity_poly.pdbx_strand_id   A,B,C,D
#
loop_
_chem_comp.id
_chem_comp.type
_chem_comp.name
_chem_comp.formula
FEG non-polymer 5'-O-[(S)-{[2-(carboxymethyl)-6-hydroxy-3,5-dimethylpyridin-4-yl]oxy}(hydroxy)phosphoryl]guanosine 'C19 H23 N6 O11 P'
#
# COMPACT_ATOMS: atom_id res chain seq x y z
N VAL A 2 -18.74 -22.08 -2.01
CA VAL A 2 -18.74 -21.09 -0.89
C VAL A 2 -18.23 -19.76 -1.39
N VAL A 3 -18.48 -18.70 -0.63
CA VAL A 3 -18.10 -17.38 -1.08
C VAL A 3 -16.59 -17.15 -0.82
N MET A 4 -15.95 -16.34 -1.65
CA MET A 4 -14.53 -16.07 -1.52
C MET A 4 -14.16 -15.56 -0.11
N GLU A 5 -14.94 -14.63 0.41
CA GLU A 5 -14.76 -14.14 1.79
C GLU A 5 -14.64 -15.23 2.85
N GLU A 6 -15.41 -16.30 2.69
CA GLU A 6 -15.38 -17.40 3.66
C GLU A 6 -14.14 -18.24 3.57
N ILE A 7 -13.67 -18.38 2.35
CA ILE A 7 -12.49 -19.16 2.02
C ILE A 7 -11.29 -18.51 2.61
N ILE A 8 -11.25 -17.19 2.47
CA ILE A 8 -10.10 -16.42 2.92
C ILE A 8 -10.08 -16.39 4.43
N LYS A 9 -11.26 -16.23 5.03
CA LYS A 9 -11.39 -16.31 6.50
C LYS A 9 -10.80 -17.59 7.09
N LYS A 10 -11.14 -18.74 6.54
CA LYS A 10 -10.48 -20.01 6.93
C LYS A 10 -8.98 -19.97 6.82
N ALA A 11 -8.45 -19.40 5.73
CA ALA A 11 -7.02 -19.29 5.59
C ALA A 11 -6.42 -18.42 6.66
N PHE A 12 -7.07 -17.29 6.95
CA PHE A 12 -6.55 -16.34 7.94
C PHE A 12 -6.56 -17.02 9.30
N ILE A 13 -7.55 -17.88 9.50
CA ILE A 13 -7.69 -18.53 10.79
C ILE A 13 -6.56 -19.54 11.01
N GLU A 14 -6.23 -20.25 9.94
CA GLU A 14 -5.10 -21.12 9.95
C GLU A 14 -3.84 -20.35 10.26
N SER A 15 -3.66 -19.19 9.61
CA SER A 15 -2.45 -18.45 9.83
C SER A 15 -2.29 -17.98 11.28
N ILE A 16 -3.39 -17.49 11.86
CA ILE A 16 -3.40 -16.94 13.19
C ILE A 16 -2.97 -18.06 14.17
N ASN A 17 -3.56 -19.25 14.03
CA ASN A 17 -3.22 -20.44 14.84
C ASN A 17 -1.90 -21.16 14.53
N ASN A 18 -1.23 -20.78 13.46
CA ASN A 18 0.04 -21.43 13.05
C ASN A 18 -0.12 -22.90 12.54
N ILE A 19 -1.20 -23.15 11.80
CA ILE A 19 -1.42 -24.45 11.18
C ILE A 19 -1.62 -24.25 9.67
N ARG A 20 -1.21 -23.09 9.15
CA ARG A 20 -1.31 -22.80 7.69
C ARG A 20 -0.19 -23.46 6.88
N ARG A 21 -0.52 -24.45 6.05
CA ARG A 21 0.51 -25.17 5.29
C ARG A 21 0.46 -24.87 3.79
N GLY A 22 0.21 -23.61 3.46
CA GLY A 22 0.28 -23.18 2.02
C GLY A 22 -1.08 -23.22 1.38
N ASP A 23 -1.17 -22.83 0.10
CA ASP A 23 -2.42 -22.80 -0.66
C ASP A 23 -3.19 -24.14 -0.63
N LYS A 24 -4.50 -24.05 -0.71
CA LYS A 24 -5.43 -25.19 -0.66
C LYS A 24 -6.22 -25.42 -1.95
N GLU A 25 -6.58 -26.66 -2.26
CA GLU A 25 -7.32 -26.91 -3.52
C GLU A 25 -8.58 -26.05 -3.62
N GLU A 26 -9.31 -25.91 -2.52
CA GLU A 26 -10.51 -25.07 -2.58
C GLU A 26 -10.21 -23.62 -3.01
N GLU A 27 -9.05 -23.11 -2.58
CA GLU A 27 -8.63 -21.71 -2.86
C GLU A 27 -8.30 -21.57 -4.34
N LEU A 28 -7.47 -22.50 -4.86
CA LEU A 28 -7.17 -22.55 -6.32
C LEU A 28 -8.43 -22.60 -7.18
N LYS A 29 -9.38 -23.42 -6.73
CA LYS A 29 -10.61 -23.66 -7.44
C LYS A 29 -11.41 -22.38 -7.46
N LYS A 30 -11.41 -21.65 -6.36
CA LYS A 30 -12.18 -20.41 -6.32
C LYS A 30 -11.57 -19.31 -7.24
N ILE A 31 -10.25 -19.20 -7.26
CA ILE A 31 -9.58 -18.27 -8.16
C ILE A 31 -9.90 -18.54 -9.64
N GLN A 32 -9.83 -19.82 -10.00
CA GLN A 32 -10.13 -20.27 -11.35
C GLN A 32 -11.53 -19.89 -11.74
N GLU A 33 -12.45 -20.12 -10.81
CA GLU A 33 -13.85 -19.82 -10.98
C GLU A 33 -14.10 -18.34 -11.22
N LYS A 34 -13.54 -17.50 -10.38
CA LYS A 34 -13.53 -16.04 -10.57
C LYS A 34 -13.13 -15.58 -11.97
N ILE A 35 -12.05 -16.16 -12.50
CA ILE A 35 -11.53 -15.83 -13.84
C ILE A 35 -12.45 -16.38 -14.98
N VAL A 36 -12.69 -17.70 -14.95
CA VAL A 36 -13.43 -18.41 -16.02
C VAL A 36 -14.86 -17.90 -16.08
N ASN A 37 -15.45 -17.58 -14.92
CA ASN A 37 -16.85 -17.07 -14.87
C ASN A 37 -17.02 -15.56 -14.99
N ALA A 38 -15.93 -14.82 -15.20
CA ALA A 38 -16.03 -13.40 -15.16
C ALA A 38 -16.93 -12.95 -16.27
N LYS A 39 -17.80 -12.00 -16.00
CA LYS A 39 -18.67 -11.48 -17.06
C LYS A 39 -18.13 -10.22 -17.72
N LYS A 40 -17.32 -9.48 -16.98
CA LYS A 40 -16.77 -8.22 -17.47
C LYS A 40 -15.37 -8.03 -16.95
N ILE A 41 -14.48 -7.65 -17.87
CA ILE A 41 -13.09 -7.56 -17.53
C ILE A 41 -12.65 -6.20 -18.04
N VAL A 42 -11.87 -5.50 -17.23
CA VAL A 42 -11.35 -4.17 -17.63
C VAL A 42 -9.81 -4.26 -17.67
N VAL A 43 -9.17 -3.83 -18.77
CA VAL A 43 -7.71 -3.89 -18.89
C VAL A 43 -7.22 -2.48 -18.59
N ALA A 44 -6.28 -2.35 -17.63
CA ALA A 44 -6.03 -1.06 -16.98
C ALA A 44 -5.02 -0.25 -17.83
N THR A 45 -5.49 0.15 -19.00
CA THR A 45 -4.62 0.72 -20.02
C THR A 45 -5.52 1.47 -20.99
N ASN A 46 -4.95 2.43 -21.72
CA ASN A 46 -5.64 3.00 -22.90
C ASN A 46 -4.82 2.68 -24.18
N ASN A 47 -3.83 1.80 -24.03
CA ASN A 47 -3.02 1.35 -25.15
C ASN A 47 -3.69 0.20 -25.94
N GLN A 48 -4.14 0.51 -27.15
CA GLN A 48 -4.82 -0.45 -27.99
C GLN A 48 -3.98 -1.74 -28.27
N LYS A 49 -2.69 -1.63 -28.48
CA LYS A 49 -1.86 -2.85 -28.67
C LYS A 49 -1.85 -3.80 -27.51
N LYS A 50 -1.60 -3.24 -26.32
CA LYS A 50 -1.63 -4.01 -25.05
C LYS A 50 -3.02 -4.62 -24.82
N PHE A 51 -4.07 -3.83 -25.01
CA PHE A 51 -5.45 -4.31 -24.95
C PHE A 51 -5.76 -5.47 -25.87
N LYS A 52 -5.43 -5.35 -27.16
CA LYS A 52 -5.79 -6.38 -28.11
C LYS A 52 -5.19 -7.75 -27.74
N VAL A 53 -3.93 -7.74 -27.28
CA VAL A 53 -3.24 -8.97 -26.91
C VAL A 53 -3.94 -9.69 -25.76
N ILE A 54 -4.27 -8.91 -24.72
CA ILE A 54 -4.85 -9.45 -23.57
C ILE A 54 -6.28 -9.86 -23.92
N ARG A 55 -6.98 -9.04 -24.66
CA ARG A 55 -8.39 -9.38 -24.97
C ARG A 55 -8.47 -10.71 -25.67
N ASP A 56 -7.67 -10.90 -26.70
CA ASP A 56 -7.84 -12.12 -27.54
C ASP A 56 -7.54 -13.35 -26.74
N ILE A 57 -6.64 -13.25 -25.75
CA ILE A 57 -6.30 -14.41 -24.96
C ILE A 57 -7.39 -14.69 -23.95
N MET A 58 -7.85 -13.64 -23.24
CA MET A 58 -8.89 -13.80 -22.29
C MET A 58 -10.16 -14.36 -22.95
N LEU A 59 -10.40 -14.01 -24.20
CA LEU A 59 -11.58 -14.60 -24.89
C LEU A 59 -11.52 -16.10 -25.08
N ARG A 60 -10.33 -16.67 -24.95
CA ARG A 60 -10.21 -18.10 -25.06
C ARG A 60 -10.59 -18.82 -23.77
N VAL A 61 -10.65 -18.08 -22.66
CA VAL A 61 -10.94 -18.64 -21.37
C VAL A 61 -12.29 -18.25 -20.78
N CYS A 62 -12.94 -17.22 -21.31
CA CYS A 62 -14.19 -16.80 -20.72
C CYS A 62 -15.07 -16.01 -21.68
N ASN A 63 -16.32 -15.86 -21.27
CA ASN A 63 -17.33 -15.19 -22.09
C ASN A 63 -17.67 -13.82 -21.48
N ALA A 64 -16.64 -13.03 -21.22
CA ALA A 64 -16.84 -11.70 -20.63
C ALA A 64 -16.89 -10.73 -21.77
N GLU A 65 -17.51 -9.60 -21.52
CA GLU A 65 -17.21 -8.36 -22.24
C GLU A 65 -15.86 -7.82 -21.69
N ILE A 66 -14.91 -7.52 -22.57
CA ILE A 66 -13.60 -7.00 -22.15
C ILE A 66 -13.40 -5.57 -22.74
N LYS A 67 -13.09 -4.57 -21.91
CA LYS A 67 -12.77 -3.24 -22.43
C LYS A 67 -11.53 -2.61 -21.78
N MET A 68 -11.01 -1.53 -22.37
CA MET A 68 -9.89 -0.82 -21.77
C MET A 68 -10.42 0.50 -21.26
N LEU A 69 -9.52 1.37 -20.80
CA LEU A 69 -9.86 2.61 -20.20
C LEU A 69 -9.69 3.69 -21.25
N ASP A 70 -10.27 4.84 -20.93
CA ASP A 70 -10.20 6.09 -21.71
C ASP A 70 -9.10 7.01 -21.17
N ILE A 71 -8.47 6.64 -20.09
CA ILE A 71 -7.38 7.46 -19.61
C ILE A 71 -6.04 6.69 -19.59
N ASP A 72 -4.95 7.46 -19.67
CA ASP A 72 -3.63 6.89 -19.76
C ASP A 72 -3.21 6.56 -18.33
N THR A 73 -2.92 5.29 -18.08
CA THR A 73 -2.55 4.92 -16.69
C THR A 73 -0.99 4.94 -16.53
N ARG A 74 -0.26 5.55 -17.47
CA ARG A 74 1.19 5.86 -17.27
C ARG A 74 1.52 6.62 -15.98
N PHE A 75 0.58 7.38 -15.42
CA PHE A 75 0.91 8.12 -14.23
C PHE A 75 1.19 7.17 -13.06
N ALA A 76 0.76 5.90 -13.19
CA ALA A 76 1.03 4.94 -12.09
C ALA A 76 2.55 4.71 -12.00
N ASP A 77 3.25 5.19 -13.04
CA ASP A 77 4.70 4.95 -13.07
C ASP A 77 5.56 5.85 -12.15
N LEU A 78 4.91 6.70 -11.33
CA LEU A 78 5.57 7.48 -10.22
C LEU A 78 5.42 6.80 -8.87
N THR A 79 4.60 5.75 -8.83
CA THR A 79 4.45 5.01 -7.60
C THR A 79 5.46 3.85 -7.39
N ARG A 80 5.39 3.20 -6.19
CA ARG A 80 6.33 2.09 -5.85
C ARG A 80 6.14 0.85 -6.72
N MET A 81 4.87 0.59 -6.98
CA MET A 81 4.49 -0.60 -7.71
C MET A 81 3.55 -0.28 -8.82
N PRO A 82 4.09 0.25 -9.93
CA PRO A 82 3.22 0.81 -10.99
C PRO A 82 2.15 -0.14 -11.54
N ALA A 83 2.48 -1.40 -11.87
CA ALA A 83 1.47 -2.35 -12.35
C ALA A 83 0.33 -2.48 -11.34
N LEU A 84 0.65 -2.66 -10.06
CA LEU A 84 -0.47 -2.74 -9.13
C LEU A 84 -1.29 -1.42 -9.04
N THR A 85 -0.61 -0.28 -9.14
CA THR A 85 -1.29 1.00 -9.05
C THR A 85 -2.27 1.14 -10.22
N LYS A 86 -1.87 0.61 -11.39
CA LYS A 86 -2.68 0.72 -12.58
C LYS A 86 -3.91 -0.11 -12.35
N GLY A 87 -3.74 -1.28 -11.76
CA GLY A 87 -4.97 -2.07 -11.46
C GLY A 87 -5.97 -1.32 -10.55
N LEU A 88 -5.43 -0.61 -9.56
CA LEU A 88 -6.31 0.01 -8.55
C LEU A 88 -6.94 1.29 -9.09
N ILE A 89 -6.33 1.89 -10.11
CA ILE A 89 -6.96 3.00 -10.80
C ILE A 89 -8.13 2.49 -11.59
N ALA A 90 -8.00 1.34 -12.29
CA ALA A 90 -9.07 0.76 -13.11
C ALA A 90 -10.23 0.36 -12.16
N LEU A 91 -9.90 -0.20 -11.01
CA LEU A 91 -10.88 -0.56 -10.00
C LEU A 91 -11.64 0.68 -9.51
N ASP A 92 -10.93 1.82 -9.39
CA ASP A 92 -11.62 3.01 -8.91
C ASP A 92 -12.59 3.60 -9.94
N ILE A 93 -12.35 3.37 -11.23
CA ILE A 93 -13.11 4.11 -12.28
C ILE A 93 -14.02 3.31 -13.14
N GLU A 94 -14.06 2.03 -12.90
CA GLU A 94 -14.91 1.14 -13.71
C GLU A 94 -15.37 -0.02 -12.89
N LYS A 95 -16.64 -0.37 -13.03
CA LYS A 95 -17.08 -1.62 -12.43
C LYS A 95 -16.77 -2.82 -13.36
N ALA A 96 -16.25 -3.90 -12.76
CA ALA A 96 -15.90 -5.16 -13.46
C ALA A 96 -15.74 -6.32 -12.46
N ASP A 97 -15.77 -7.54 -12.98
CA ASP A 97 -15.46 -8.72 -12.17
C ASP A 97 -13.93 -8.97 -12.02
N LEU A 98 -13.18 -8.46 -12.98
CA LEU A 98 -11.74 -8.68 -13.07
C LEU A 98 -11.04 -7.51 -13.70
N TYR A 99 -9.82 -7.21 -13.22
CA TYR A 99 -9.02 -6.10 -13.74
C TYR A 99 -7.66 -6.66 -14.09
N ILE A 100 -7.12 -6.32 -15.25
CA ILE A 100 -5.85 -6.90 -15.65
C ILE A 100 -4.94 -5.68 -15.91
N ALA A 101 -3.74 -5.65 -15.29
CA ALA A 101 -2.91 -4.53 -15.50
C ALA A 101 -1.50 -5.01 -15.83
N ARG A 102 -0.82 -4.23 -16.63
CA ARG A 102 0.57 -4.65 -17.03
C ARG A 102 1.46 -3.40 -17.10
N GLY A 103 2.57 -3.43 -16.36
CA GLY A 103 3.54 -2.30 -16.27
C GLY A 103 4.80 -2.73 -15.56
N ARG A 104 5.51 -1.77 -15.04
CA ARG A 104 6.75 -1.96 -14.27
C ARG A 104 6.40 -2.52 -12.88
N LEU A 105 7.19 -3.55 -12.53
CA LEU A 105 7.15 -4.24 -11.26
C LEU A 105 7.32 -3.29 -10.14
N GLY A 106 8.46 -2.58 -10.10
CA GLY A 106 8.87 -1.82 -8.92
C GLY A 106 9.66 -0.59 -9.33
N ALA A 107 10.84 -0.42 -8.77
CA ALA A 107 11.73 0.67 -9.12
C ALA A 107 12.13 0.66 -10.61
N PRO A 108 12.42 1.87 -11.25
CA PRO A 108 12.95 1.86 -12.63
C PRO A 108 14.07 0.81 -12.78
N GLY A 109 13.95 -0.03 -13.77
CA GLY A 109 14.97 -1.06 -14.01
C GLY A 109 14.58 -2.45 -13.54
N SER A 110 13.43 -2.55 -12.84
CA SER A 110 12.99 -3.81 -12.25
C SER A 110 12.15 -4.75 -13.18
N GLY A 111 12.01 -4.45 -14.46
CA GLY A 111 11.26 -5.38 -15.31
C GLY A 111 9.77 -5.18 -15.12
N SER A 112 8.97 -6.14 -15.59
CA SER A 112 7.57 -5.87 -15.75
C SER A 112 6.77 -6.88 -14.93
N MET A 113 5.51 -6.48 -14.63
CA MET A 113 4.57 -7.33 -13.96
C MET A 113 3.27 -7.25 -14.66
N LEU A 114 2.67 -8.42 -14.87
CA LEU A 114 1.27 -8.44 -15.32
C LEU A 114 0.51 -8.96 -14.09
N VAL A 115 -0.64 -8.35 -13.76
CA VAL A 115 -1.37 -8.74 -12.54
C VAL A 115 -2.88 -8.76 -12.81
N ILE A 116 -3.59 -9.75 -12.21
CA ILE A 116 -5.04 -9.90 -12.37
C ILE A 116 -5.65 -9.73 -10.98
N LEU A 117 -6.56 -8.77 -10.90
CA LEU A 117 -7.25 -8.44 -9.65
C LEU A 117 -8.73 -8.80 -9.73
N ASP A 118 -9.34 -9.04 -8.56
CA ASP A 118 -10.72 -9.35 -8.52
C ASP A 118 -11.48 -8.07 -8.22
N GLU A 119 -12.79 -8.18 -8.07
CA GLU A 119 -13.61 -6.97 -8.02
C GLU A 119 -13.40 -6.11 -6.75
N LYS A 120 -12.66 -6.62 -5.78
CA LYS A 120 -12.39 -5.88 -4.57
C LYS A 120 -10.89 -5.55 -4.46
N GLY A 121 -10.16 -5.64 -5.57
CA GLY A 121 -8.74 -5.31 -5.52
C GLY A 121 -7.79 -6.45 -5.09
N ARG A 122 -8.31 -7.67 -4.92
CA ARG A 122 -7.47 -8.78 -4.41
C ARG A 122 -6.59 -9.34 -5.53
N VAL A 123 -5.34 -9.63 -5.18
CA VAL A 123 -4.44 -10.18 -6.12
C VAL A 123 -4.65 -11.71 -6.34
N LEU A 124 -5.08 -12.07 -7.55
CA LEU A 124 -5.37 -13.45 -7.94
C LEU A 124 -4.20 -14.17 -8.52
N THR A 125 -3.43 -13.51 -9.34
CA THR A 125 -2.27 -14.12 -9.95
C THR A 125 -1.49 -12.99 -10.67
N ALA A 126 -0.32 -13.30 -11.20
CA ALA A 126 0.61 -12.31 -11.72
C ALA A 126 1.72 -13.05 -12.44
N SER A 127 2.46 -12.34 -13.27
CA SER A 127 3.69 -12.88 -13.83
C SER A 127 4.61 -11.73 -14.23
N LEU A 128 5.90 -12.03 -14.30
CA LEU A 128 6.96 -11.03 -14.52
C LEU A 128 7.76 -11.37 -15.80
N SER A 129 8.37 -10.37 -16.47
CA SER A 129 9.40 -10.59 -17.48
C SER A 129 10.65 -9.85 -17.00
N PRO A 130 11.82 -10.32 -17.46
CA PRO A 130 13.01 -9.57 -17.14
C PRO A 130 12.93 -8.19 -17.75
N SER A 131 13.82 -7.33 -17.30
CA SER A 131 13.86 -6.03 -17.78
C SER A 131 14.08 -6.05 -19.31
N SER A 132 13.39 -5.19 -20.03
CA SER A 132 13.53 -5.13 -21.46
C SER A 132 14.92 -4.77 -21.96
N VAL A 133 15.74 -4.12 -21.12
CA VAL A 133 17.13 -3.80 -21.39
C VAL A 133 17.88 -5.11 -21.69
N ILE A 134 17.39 -6.21 -21.13
CA ILE A 134 18.00 -7.52 -21.33
C ILE A 134 17.30 -8.29 -22.48
N HIS A 135 16.09 -8.80 -22.24
CA HIS A 135 15.38 -9.66 -23.21
C HIS A 135 15.19 -9.09 -24.65
N LYS A 136 15.07 -7.76 -24.79
CA LYS A 136 14.73 -7.06 -26.07
C LYS A 136 13.64 -7.65 -27.04
N GLU A 137 12.58 -8.27 -26.51
CA GLU A 137 11.48 -8.85 -27.35
C GLU A 137 10.33 -7.83 -27.56
N ASP A 138 9.56 -8.01 -28.65
CA ASP A 138 8.36 -7.19 -28.94
C ASP A 138 7.48 -7.15 -27.71
N ILE A 139 6.98 -5.95 -27.38
CA ILE A 139 6.07 -5.85 -26.24
C ILE A 139 4.87 -6.80 -26.34
N GLU A 140 4.34 -7.02 -27.53
CA GLU A 140 3.16 -7.85 -27.68
C GLU A 140 3.49 -9.33 -27.39
N GLU A 141 4.68 -9.78 -27.81
CA GLU A 141 5.08 -11.12 -27.46
C GLU A 141 5.35 -11.32 -26.01
N ARG A 142 5.93 -10.31 -25.37
CA ARG A 142 6.14 -10.34 -23.90
C ARG A 142 4.77 -10.46 -23.12
N ILE A 143 3.84 -9.56 -23.43
CA ILE A 143 2.50 -9.56 -22.75
C ILE A 143 1.76 -10.85 -22.93
N LYS A 144 1.83 -11.44 -24.16
CA LYS A 144 1.20 -12.76 -24.42
C LYS A 144 1.83 -13.80 -23.47
N LYS A 145 3.16 -13.90 -23.43
CA LYS A 145 3.78 -14.89 -22.62
C LYS A 145 3.46 -14.62 -21.12
N GLU A 146 3.41 -13.35 -20.74
CA GLU A 146 3.09 -12.99 -19.37
C GLU A 146 1.69 -13.44 -18.99
N LEU A 147 0.69 -13.12 -19.83
CA LEU A 147 -0.65 -13.52 -19.53
C LEU A 147 -0.81 -15.04 -19.43
N ILE A 148 -0.22 -15.74 -20.35
CA ILE A 148 -0.36 -17.18 -20.39
C ILE A 148 0.28 -17.79 -19.16
N GLU A 149 1.41 -17.26 -18.73
CA GLU A 149 1.96 -17.69 -17.45
C GLU A 149 1.11 -17.43 -16.25
N ALA A 150 0.56 -16.22 -16.16
CA ALA A 150 -0.25 -15.85 -15.00
C ALA A 150 -1.47 -16.78 -14.92
N LEU A 151 -2.04 -17.14 -16.05
CA LEU A 151 -3.09 -18.12 -16.04
C LEU A 151 -2.60 -19.59 -15.70
N SER A 152 -1.53 -20.13 -16.34
CA SER A 152 -1.13 -21.53 -16.05
C SER A 152 -0.71 -21.73 -14.56
N ARG A 153 -0.07 -20.74 -13.96
CA ARG A 153 0.35 -20.86 -12.53
C ARG A 153 -0.85 -20.92 -11.54
N ILE A 154 -2.03 -20.62 -12.02
CA ILE A 154 -3.23 -20.93 -11.17
C ILE A 154 -4.17 -22.01 -11.76
N GLY A 155 -3.67 -22.70 -12.77
CA GLY A 155 -4.25 -23.97 -13.24
C GLY A 155 -5.13 -23.74 -14.44
N ILE A 156 -5.03 -22.56 -15.07
CA ILE A 156 -5.81 -22.25 -16.27
C ILE A 156 -5.03 -22.44 -17.56
N SER A 157 -5.48 -23.35 -18.41
CA SER A 157 -4.85 -23.57 -19.72
C SER A 157 -5.55 -22.82 -20.84
N ILE A 158 -4.75 -22.25 -21.72
CA ILE A 158 -5.24 -21.57 -22.89
C ILE A 158 -5.43 -22.54 -24.06
N LEU A 159 -4.80 -23.71 -24.00
CA LEU A 159 -4.77 -24.66 -25.15
C LEU A 159 -6.14 -25.27 -25.43
N VAL B 2 25.63 7.98 -10.63
CA VAL B 2 24.65 8.86 -9.89
C VAL B 2 24.09 8.14 -8.66
N VAL B 3 23.34 8.90 -7.85
CA VAL B 3 22.71 8.29 -6.71
C VAL B 3 21.41 7.75 -7.27
N MET B 4 20.84 6.79 -6.55
CA MET B 4 19.67 6.15 -7.04
C MET B 4 18.55 7.15 -7.16
N GLU B 5 18.40 8.00 -6.12
CA GLU B 5 17.40 9.08 -6.12
C GLU B 5 17.37 9.91 -7.41
N GLU B 6 18.56 10.24 -7.96
CA GLU B 6 18.64 11.02 -9.17
C GLU B 6 18.27 10.24 -10.42
N ILE B 7 18.71 9.00 -10.50
CA ILE B 7 18.30 8.10 -11.58
C ILE B 7 16.79 7.94 -11.58
N ILE B 8 16.19 7.73 -10.39
CA ILE B 8 14.74 7.65 -10.29
C ILE B 8 13.99 8.94 -10.73
N LYS B 9 14.46 10.11 -10.25
CA LYS B 9 13.89 11.38 -10.71
C LYS B 9 13.93 11.47 -12.23
N LYS B 10 15.06 11.14 -12.84
CA LYS B 10 15.16 11.11 -14.33
C LYS B 10 14.03 10.30 -14.98
N ALA B 11 13.82 9.09 -14.44
CA ALA B 11 12.81 8.18 -14.93
C ALA B 11 11.46 8.80 -14.75
N PHE B 12 11.16 9.36 -13.56
CA PHE B 12 9.83 9.96 -13.32
C PHE B 12 9.53 11.13 -14.27
N ILE B 13 10.54 11.93 -14.49
CA ILE B 13 10.43 13.06 -15.45
C ILE B 13 10.09 12.61 -16.87
N GLU B 14 10.70 11.52 -17.32
CA GLU B 14 10.33 10.93 -18.60
C GLU B 14 8.89 10.52 -18.62
N SER B 15 8.44 9.94 -17.52
CA SER B 15 7.03 9.55 -17.39
C SER B 15 6.04 10.76 -17.46
N ILE B 16 6.27 11.76 -16.62
CA ILE B 16 5.41 12.96 -16.63
C ILE B 16 5.32 13.52 -18.08
N ASN B 17 6.45 13.56 -18.77
CA ASN B 17 6.48 14.14 -20.14
C ASN B 17 6.06 13.23 -21.26
N ASN B 18 5.75 11.99 -20.94
CA ASN B 18 5.30 11.02 -21.96
C ASN B 18 6.43 10.61 -22.90
N ILE B 19 7.64 10.51 -22.39
CA ILE B 19 8.73 10.03 -23.23
C ILE B 19 9.44 8.80 -22.64
N ARG B 20 8.81 8.15 -21.67
CA ARG B 20 9.37 6.97 -21.03
C ARG B 20 9.25 5.74 -21.97
N ARG B 21 10.37 5.16 -22.39
CA ARG B 21 10.35 3.98 -23.25
C ARG B 21 10.97 2.74 -22.58
N GLY B 22 10.50 2.51 -21.36
CA GLY B 22 10.87 1.35 -20.51
C GLY B 22 12.16 1.59 -19.77
N ASP B 23 12.68 0.51 -19.19
CA ASP B 23 13.90 0.54 -18.37
C ASP B 23 15.10 0.91 -19.20
N LYS B 24 16.12 1.44 -18.53
CA LYS B 24 17.35 1.90 -19.17
C LYS B 24 18.57 1.23 -18.51
N GLU B 25 19.68 1.20 -19.25
CA GLU B 25 20.90 0.48 -18.84
C GLU B 25 21.40 1.01 -17.50
N GLU B 26 21.36 2.34 -17.31
CA GLU B 26 21.85 2.92 -16.04
C GLU B 26 21.05 2.45 -14.85
N GLU B 27 19.72 2.31 -15.04
CA GLU B 27 18.83 1.93 -13.94
C GLU B 27 19.11 0.49 -13.62
N LEU B 28 19.31 -0.33 -14.65
CA LEU B 28 19.58 -1.75 -14.43
C LEU B 28 20.94 -1.93 -13.72
N LYS B 29 21.95 -1.22 -14.18
CA LYS B 29 23.27 -1.17 -13.53
C LYS B 29 23.19 -0.82 -12.06
N LYS B 30 22.38 0.18 -11.75
CA LYS B 30 22.26 0.66 -10.41
C LYS B 30 21.64 -0.35 -9.50
N ILE B 31 20.62 -1.04 -9.97
CA ILE B 31 20.02 -2.19 -9.23
C ILE B 31 21.07 -3.30 -8.95
N GLN B 32 21.77 -3.74 -9.99
CA GLN B 32 22.84 -4.73 -9.85
C GLN B 32 23.89 -4.31 -8.79
N GLU B 33 24.28 -3.04 -8.86
CA GLU B 33 25.23 -2.42 -7.93
C GLU B 33 24.76 -2.52 -6.51
N LYS B 34 23.50 -2.17 -6.26
CA LYS B 34 22.94 -2.25 -4.90
C LYS B 34 22.96 -3.67 -4.38
N ILE B 35 22.69 -4.65 -5.24
CA ILE B 35 22.66 -6.04 -4.83
C ILE B 35 24.08 -6.59 -4.57
N VAL B 36 24.93 -6.56 -5.60
CA VAL B 36 26.30 -7.10 -5.50
C VAL B 36 27.14 -6.42 -4.39
N ASN B 37 26.95 -5.13 -4.13
CA ASN B 37 27.77 -4.40 -3.12
C ASN B 37 27.15 -4.32 -1.71
N ALA B 38 26.00 -4.98 -1.48
CA ALA B 38 25.34 -4.89 -0.15
C ALA B 38 26.32 -5.40 0.86
N LYS B 39 26.34 -4.76 2.02
CA LYS B 39 27.24 -5.18 3.10
C LYS B 39 26.47 -5.93 4.19
N LYS B 40 25.16 -5.68 4.28
CA LYS B 40 24.24 -6.37 5.21
C LYS B 40 22.92 -6.73 4.51
N ILE B 41 22.47 -7.95 4.71
CA ILE B 41 21.20 -8.38 4.10
C ILE B 41 20.35 -8.97 5.24
N VAL B 42 19.06 -8.69 5.23
CA VAL B 42 18.16 -9.33 6.18
C VAL B 42 17.17 -10.16 5.42
N VAL B 43 17.01 -11.42 5.84
CA VAL B 43 16.01 -12.30 5.26
C VAL B 43 14.81 -12.23 6.18
N ALA B 44 13.67 -11.87 5.58
CA ALA B 44 12.50 -11.47 6.38
C ALA B 44 11.70 -12.72 6.92
N THR B 45 12.34 -13.52 7.78
CA THR B 45 11.73 -14.82 8.14
C THR B 45 12.36 -15.17 9.47
N ASN B 46 11.75 -16.07 10.23
CA ASN B 46 12.53 -16.73 11.30
C ASN B 46 12.65 -18.21 11.02
N ASN B 47 12.44 -18.58 9.75
CA ASN B 47 12.47 -19.97 9.36
C ASN B 47 13.88 -20.37 8.91
N GLN B 48 14.55 -21.21 9.69
CA GLN B 48 15.92 -21.58 9.40
C GLN B 48 16.17 -22.19 7.98
N LYS B 49 15.33 -23.13 7.57
CA LYS B 49 15.45 -23.79 6.25
C LYS B 49 15.43 -22.79 5.09
N LYS B 50 14.46 -21.85 5.09
CA LYS B 50 14.32 -20.77 4.10
C LYS B 50 15.51 -19.82 4.14
N PHE B 51 15.84 -19.33 5.34
CA PHE B 51 17.07 -18.55 5.60
C PHE B 51 18.32 -19.21 4.99
N LYS B 52 18.54 -20.49 5.24
CA LYS B 52 19.77 -21.13 4.78
C LYS B 52 19.87 -21.19 3.26
N VAL B 53 18.74 -21.41 2.58
CA VAL B 53 18.73 -21.57 1.09
C VAL B 53 19.08 -20.23 0.52
N ILE B 54 18.46 -19.18 1.09
CA ILE B 54 18.71 -17.84 0.61
C ILE B 54 20.15 -17.37 0.90
N ARG B 55 20.60 -17.45 2.16
CA ARG B 55 21.98 -17.18 2.54
C ARG B 55 23.04 -17.86 1.62
N ASP B 56 22.94 -19.16 1.41
CA ASP B 56 23.99 -19.86 0.64
C ASP B 56 24.11 -19.33 -0.80
N ILE B 57 22.96 -18.94 -1.38
CA ILE B 57 22.98 -18.38 -2.70
C ILE B 57 23.55 -16.96 -2.70
N MET B 58 23.00 -16.09 -1.83
CA MET B 58 23.48 -14.69 -1.76
C MET B 58 24.98 -14.55 -1.46
N LEU B 59 25.54 -15.47 -0.69
CA LEU B 59 26.98 -15.51 -0.48
C LEU B 59 27.82 -15.75 -1.77
N ARG B 60 27.19 -16.24 -2.84
CA ARG B 60 27.88 -16.43 -4.09
C ARG B 60 27.92 -15.10 -4.89
N VAL B 61 27.11 -14.12 -4.50
CA VAL B 61 26.96 -12.89 -5.26
C VAL B 61 27.57 -11.69 -4.57
N CYS B 62 27.64 -11.72 -3.25
CA CYS B 62 28.13 -10.57 -2.56
C CYS B 62 28.81 -10.95 -1.26
N ASN B 63 29.44 -9.98 -0.64
CA ASN B 63 30.21 -10.22 0.55
C ASN B 63 29.57 -9.61 1.78
N ALA B 64 28.27 -9.86 1.94
CA ALA B 64 27.50 -9.21 2.99
C ALA B 64 27.45 -10.07 4.24
N GLU B 65 27.18 -9.45 5.38
CA GLU B 65 26.65 -10.16 6.51
C GLU B 65 25.15 -10.39 6.26
N ILE B 66 24.70 -11.64 6.43
CA ILE B 66 23.28 -12.01 6.10
C ILE B 66 22.62 -12.68 7.31
N LYS B 67 21.47 -12.19 7.76
CA LYS B 67 20.82 -12.63 8.98
C LYS B 67 19.30 -12.74 8.80
N MET B 68 18.66 -13.42 9.72
CA MET B 68 17.24 -13.62 9.61
C MET B 68 16.65 -12.88 10.80
N LEU B 69 15.33 -12.86 10.92
CA LEU B 69 14.67 -12.18 12.07
C LEU B 69 14.45 -13.13 13.24
N ASP B 70 14.11 -12.52 14.37
CA ASP B 70 13.76 -13.21 15.60
C ASP B 70 12.27 -13.31 15.79
N ILE B 71 11.50 -12.70 14.90
CA ILE B 71 10.06 -12.85 15.03
C ILE B 71 9.56 -13.65 13.82
N ASP B 72 8.47 -14.37 14.03
CA ASP B 72 7.76 -15.00 12.94
C ASP B 72 6.99 -13.98 12.06
N THR B 73 7.37 -13.89 10.80
CA THR B 73 6.65 -12.95 9.93
C THR B 73 5.38 -13.55 9.32
N ARG B 74 4.89 -14.67 9.82
CA ARG B 74 3.62 -15.26 9.27
C ARG B 74 2.39 -14.37 9.46
N PHE B 75 2.45 -13.46 10.42
CA PHE B 75 1.39 -12.45 10.60
C PHE B 75 1.16 -11.60 9.37
N ALA B 76 2.14 -11.54 8.47
CA ALA B 76 1.92 -10.91 7.22
C ALA B 76 0.80 -11.60 6.38
N ASP B 77 0.56 -12.87 6.68
CA ASP B 77 -0.36 -13.58 5.85
C ASP B 77 -1.85 -13.14 5.89
N LEU B 78 -2.21 -12.14 6.71
CA LEU B 78 -3.53 -11.57 6.75
C LEU B 78 -3.66 -10.35 5.87
N THR B 79 -2.56 -9.88 5.29
CA THR B 79 -2.58 -8.68 4.39
C THR B 79 -2.76 -9.09 2.93
N ARG B 80 -2.94 -8.10 2.05
CA ARG B 80 -3.26 -8.34 0.67
C ARG B 80 -2.13 -8.99 -0.15
N MET B 81 -0.92 -8.60 0.20
CA MET B 81 0.31 -9.08 -0.44
C MET B 81 1.33 -9.43 0.59
N PRO B 82 1.21 -10.65 1.15
CA PRO B 82 2.03 -11.08 2.29
C PRO B 82 3.56 -11.02 2.09
N ALA B 83 4.11 -11.47 0.95
CA ALA B 83 5.57 -11.36 0.68
C ALA B 83 6.03 -9.97 0.82
N LEU B 84 5.31 -8.99 0.24
CA LEU B 84 5.74 -7.58 0.34
C LEU B 84 5.65 -7.12 1.80
N THR B 85 4.58 -7.53 2.46
CA THR B 85 4.41 -7.13 3.86
C THR B 85 5.54 -7.65 4.69
N LYS B 86 5.97 -8.92 4.42
CA LYS B 86 7.07 -9.47 5.23
C LYS B 86 8.33 -8.59 5.04
N GLY B 87 8.56 -8.17 3.79
CA GLY B 87 9.70 -7.27 3.47
C GLY B 87 9.72 -6.00 4.34
N LEU B 88 8.54 -5.36 4.46
CA LEU B 88 8.42 -4.05 5.08
C LEU B 88 8.42 -4.22 6.63
N ILE B 89 7.98 -5.39 7.11
CA ILE B 89 8.22 -5.70 8.55
C ILE B 89 9.74 -5.74 8.83
N ALA B 90 10.53 -6.43 8.01
CA ALA B 90 11.95 -6.53 8.29
C ALA B 90 12.64 -5.14 8.23
N LEU B 91 12.28 -4.36 7.21
CA LEU B 91 12.68 -2.94 7.08
C LEU B 91 12.37 -2.13 8.36
N ASP B 92 11.19 -2.35 8.92
CA ASP B 92 10.87 -1.60 10.14
C ASP B 92 11.73 -1.95 11.39
N ILE B 93 12.28 -3.19 11.47
CA ILE B 93 12.96 -3.69 12.68
C ILE B 93 14.45 -4.07 12.58
N GLU B 94 15.03 -3.86 11.40
CA GLU B 94 16.41 -4.21 11.15
C GLU B 94 17.00 -3.25 10.13
N LYS B 95 18.19 -2.71 10.41
CA LYS B 95 18.95 -1.95 9.40
C LYS B 95 19.71 -2.93 8.53
N ALA B 96 19.71 -2.70 7.23
CA ALA B 96 20.40 -3.54 6.23
C ALA B 96 20.38 -2.76 4.92
N ASP B 97 21.19 -3.19 3.94
CA ASP B 97 21.23 -2.60 2.63
C ASP B 97 20.19 -3.27 1.74
N LEU B 98 19.87 -4.54 2.05
CA LEU B 98 18.86 -5.26 1.27
C LEU B 98 18.00 -6.11 2.17
N TYR B 99 16.76 -6.34 1.74
CA TYR B 99 15.85 -7.20 2.47
C TYR B 99 15.24 -8.23 1.53
N ILE B 100 15.26 -9.53 1.91
CA ILE B 100 14.71 -10.55 1.05
C ILE B 100 13.50 -11.26 1.75
N ALA B 101 12.38 -11.35 1.09
CA ALA B 101 11.24 -11.97 1.73
C ALA B 101 10.63 -12.96 0.78
N ARG B 102 10.00 -14.04 1.28
CA ARG B 102 9.29 -14.95 0.39
C ARG B 102 8.08 -15.45 1.08
N GLY B 103 6.96 -15.48 0.38
CA GLY B 103 5.72 -15.82 1.04
C GLY B 103 4.65 -15.78 -0.07
N ARG B 104 3.37 -15.73 0.32
CA ARG B 104 2.29 -15.87 -0.68
C ARG B 104 2.25 -14.54 -1.45
N LEU B 105 2.07 -14.63 -2.75
CA LEU B 105 1.94 -13.43 -3.61
C LEU B 105 0.74 -12.55 -3.22
N GLY B 106 -0.45 -13.14 -3.27
CA GLY B 106 -1.65 -12.33 -3.01
C GLY B 106 -2.71 -13.05 -2.18
N ALA B 107 -3.90 -13.13 -2.72
CA ALA B 107 -4.99 -13.90 -2.12
C ALA B 107 -4.61 -15.37 -1.80
N PRO B 108 -5.25 -15.98 -0.78
CA PRO B 108 -5.02 -17.42 -0.60
C PRO B 108 -5.16 -18.11 -1.96
N GLY B 109 -4.18 -18.96 -2.31
CA GLY B 109 -4.31 -19.76 -3.56
C GLY B 109 -3.50 -19.16 -4.72
N SER B 110 -2.95 -17.99 -4.49
CA SER B 110 -2.28 -17.23 -5.56
C SER B 110 -0.81 -17.56 -5.76
N GLY B 111 -0.27 -18.55 -5.03
CA GLY B 111 1.13 -18.90 -5.28
C GLY B 111 2.06 -18.00 -4.51
N SER B 112 3.35 -18.10 -4.85
CA SER B 112 4.41 -17.53 -4.03
C SER B 112 5.08 -16.42 -4.74
N MET B 113 5.64 -15.54 -3.92
CA MET B 113 6.52 -14.47 -4.41
C MET B 113 7.79 -14.36 -3.57
N LEU B 114 8.95 -14.22 -4.20
CA LEU B 114 10.14 -13.84 -3.45
C LEU B 114 10.39 -12.39 -3.84
N VAL B 115 10.72 -11.52 -2.90
CA VAL B 115 10.99 -10.12 -3.33
C VAL B 115 12.30 -9.62 -2.68
N ILE B 116 12.99 -8.69 -3.31
CA ILE B 116 14.17 -8.07 -2.77
C ILE B 116 13.90 -6.59 -2.77
N LEU B 117 13.94 -6.00 -1.59
CA LEU B 117 13.85 -4.55 -1.33
C LEU B 117 15.21 -3.96 -0.96
N ASP B 118 15.42 -2.70 -1.35
CA ASP B 118 16.54 -1.89 -0.88
C ASP B 118 16.25 -1.21 0.48
N GLU B 119 17.22 -0.41 0.95
CA GLU B 119 17.15 0.19 2.28
C GLU B 119 16.01 1.23 2.46
N LYS B 120 15.39 1.68 1.38
CA LYS B 120 14.19 2.54 1.50
C LYS B 120 12.87 1.77 1.23
N GLY B 121 12.97 0.44 1.14
CA GLY B 121 11.81 -0.39 0.74
C GLY B 121 11.42 -0.38 -0.77
N ARG B 122 12.31 0.11 -1.65
CA ARG B 122 11.98 0.03 -3.08
C ARG B 122 12.06 -1.45 -3.58
N VAL B 123 11.16 -1.77 -4.50
CA VAL B 123 11.12 -3.13 -5.08
C VAL B 123 12.15 -3.21 -6.19
N LEU B 124 13.18 -4.03 -5.99
CA LEU B 124 14.26 -4.14 -6.94
C LEU B 124 14.12 -5.24 -7.95
N THR B 125 13.58 -6.38 -7.49
CA THR B 125 13.30 -7.52 -8.33
C THR B 125 12.43 -8.50 -7.53
N ALA B 126 11.88 -9.48 -8.23
CA ALA B 126 10.97 -10.44 -7.61
C ALA B 126 10.92 -11.66 -8.49
N SER B 127 10.41 -12.75 -7.96
CA SER B 127 10.04 -13.85 -8.83
C SER B 127 8.89 -14.62 -8.16
N LEU B 128 8.18 -15.34 -9.00
CA LEU B 128 6.98 -16.07 -8.59
C LEU B 128 7.08 -17.59 -8.83
N SER B 129 6.40 -18.43 -8.03
CA SER B 129 6.22 -19.83 -8.37
C SER B 129 4.70 -20.08 -8.40
N PRO B 130 4.23 -21.14 -9.11
CA PRO B 130 2.81 -21.44 -9.13
C PRO B 130 2.41 -21.83 -7.77
N SER B 131 1.10 -21.90 -7.51
CA SER B 131 0.60 -22.49 -6.32
C SER B 131 1.23 -23.89 -6.07
N SER B 132 1.71 -24.12 -4.83
CA SER B 132 2.28 -25.35 -4.39
C SER B 132 1.34 -26.51 -4.62
N VAL B 133 0.04 -26.19 -4.71
CA VAL B 133 -1.02 -27.17 -4.95
C VAL B 133 -0.74 -27.81 -6.29
N ILE B 134 -0.22 -27.00 -7.21
CA ILE B 134 0.17 -27.47 -8.53
C ILE B 134 1.59 -28.05 -8.64
N HIS B 135 2.62 -27.22 -8.48
CA HIS B 135 4.01 -27.65 -8.74
C HIS B 135 4.48 -28.83 -7.85
N LYS B 136 3.91 -28.91 -6.65
CA LYS B 136 4.23 -29.98 -5.69
C LYS B 136 5.73 -30.23 -5.38
N GLU B 137 6.58 -29.23 -5.57
CA GLU B 137 8.02 -29.30 -5.21
C GLU B 137 8.35 -29.00 -3.76
N ASP B 138 9.50 -29.55 -3.34
CA ASP B 138 10.08 -29.22 -2.03
C ASP B 138 10.21 -27.71 -1.91
N ILE B 139 9.82 -27.15 -0.78
CA ILE B 139 9.94 -25.70 -0.61
C ILE B 139 11.39 -25.18 -0.82
N GLU B 140 12.39 -25.95 -0.38
CA GLU B 140 13.80 -25.56 -0.56
C GLU B 140 14.25 -25.53 -2.02
N GLU B 141 13.77 -26.46 -2.82
CA GLU B 141 14.06 -26.39 -4.25
C GLU B 141 13.38 -25.19 -4.92
N ARG B 142 12.19 -24.88 -4.41
CA ARG B 142 11.37 -23.85 -4.93
C ARG B 142 12.00 -22.49 -4.67
N ILE B 143 12.52 -22.30 -3.47
CA ILE B 143 13.08 -21.01 -3.10
C ILE B 143 14.40 -20.80 -3.83
N LYS B 144 15.19 -21.87 -3.96
CA LYS B 144 16.42 -21.78 -4.79
C LYS B 144 16.09 -21.27 -6.20
N LYS B 145 15.11 -21.87 -6.85
CA LYS B 145 14.74 -21.47 -8.17
C LYS B 145 14.23 -20.00 -8.21
N GLU B 146 13.54 -19.58 -7.15
CA GLU B 146 12.90 -18.22 -7.18
C GLU B 146 14.00 -17.18 -7.03
N LEU B 147 14.96 -17.44 -6.14
CA LEU B 147 15.99 -16.43 -5.89
C LEU B 147 16.84 -16.33 -7.15
N ILE B 148 17.06 -17.45 -7.81
CA ILE B 148 17.99 -17.50 -8.93
C ILE B 148 17.36 -16.73 -10.10
N GLU B 149 16.06 -16.91 -10.28
CA GLU B 149 15.37 -16.22 -11.29
C GLU B 149 15.27 -14.71 -10.97
N ALA B 150 15.10 -14.36 -9.69
CA ALA B 150 14.98 -12.99 -9.29
C ALA B 150 16.31 -12.30 -9.57
N LEU B 151 17.39 -13.01 -9.36
CA LEU B 151 18.75 -12.42 -9.69
C LEU B 151 18.96 -12.37 -11.18
N SER B 152 18.59 -13.43 -11.88
CA SER B 152 18.93 -13.53 -13.35
C SER B 152 18.15 -12.52 -14.21
N ARG B 153 16.94 -12.24 -13.77
CA ARG B 153 16.09 -11.21 -14.50
C ARG B 153 16.56 -9.72 -14.40
N ILE B 154 17.45 -9.42 -13.47
CA ILE B 154 18.11 -8.13 -13.44
C ILE B 154 19.60 -8.25 -13.79
N GLY B 155 19.97 -9.38 -14.42
CA GLY B 155 21.30 -9.53 -15.07
C GLY B 155 22.36 -10.11 -14.17
N ILE B 156 21.94 -10.74 -13.10
CA ILE B 156 22.90 -11.29 -12.13
C ILE B 156 22.93 -12.82 -12.24
N SER B 157 24.08 -13.36 -12.68
CA SER B 157 24.31 -14.79 -12.79
C SER B 157 25.11 -15.36 -11.60
N ILE B 158 24.74 -16.56 -11.13
CA ILE B 158 25.39 -17.15 -9.95
C ILE B 158 26.73 -17.77 -10.33
N VAL C 2 17.77 3.92 22.64
CA VAL C 2 17.89 2.77 21.72
C VAL C 2 17.50 3.25 20.30
N VAL C 3 17.94 2.54 19.26
CA VAL C 3 17.59 2.86 17.87
C VAL C 3 16.08 2.62 17.54
N MET C 4 15.52 3.40 16.61
CA MET C 4 14.12 3.25 16.27
C MET C 4 13.74 1.81 15.92
N GLU C 5 14.63 1.11 15.24
CA GLU C 5 14.32 -0.26 14.80
C GLU C 5 14.09 -1.21 15.98
N GLU C 6 14.85 -0.96 17.04
CA GLU C 6 14.80 -1.76 18.27
C GLU C 6 13.56 -1.44 19.11
N ILE C 7 13.18 -0.17 19.12
CA ILE C 7 11.89 0.26 19.64
C ILE C 7 10.70 -0.38 18.90
N ILE C 8 10.72 -0.38 17.58
CA ILE C 8 9.64 -1.00 16.83
C ILE C 8 9.59 -2.54 17.04
N LYS C 9 10.77 -3.19 17.05
CA LYS C 9 10.80 -4.63 17.31
C LYS C 9 10.06 -4.99 18.61
N LYS C 10 10.35 -4.22 19.65
CA LYS C 10 9.63 -4.37 20.92
C LYS C 10 8.15 -4.20 20.79
N ALA C 11 7.69 -3.16 20.08
CA ALA C 11 6.26 -2.97 19.91
C ALA C 11 5.66 -4.14 19.20
N PHE C 12 6.35 -4.65 18.16
CA PHE C 12 5.83 -5.75 17.36
C PHE C 12 5.72 -7.00 18.18
N ILE C 13 6.76 -7.29 18.96
CA ILE C 13 6.73 -8.43 19.93
C ILE C 13 5.53 -8.33 20.88
N GLU C 14 5.29 -7.16 21.45
CA GLU C 14 4.10 -6.98 22.27
C GLU C 14 2.78 -7.39 21.56
N SER C 15 2.67 -7.01 20.30
CA SER C 15 1.43 -7.22 19.59
C SER C 15 1.29 -8.68 19.25
N ILE C 16 2.34 -9.26 18.67
CA ILE C 16 2.35 -10.71 18.44
C ILE C 16 1.87 -11.48 19.66
N ASN C 17 2.31 -11.04 20.85
CA ASN C 17 2.06 -11.88 22.05
C ASN C 17 0.93 -11.42 22.97
N ASN C 18 0.12 -10.53 22.40
CA ASN C 18 -1.03 -9.94 23.04
C ASN C 18 -0.80 -9.23 24.36
N ILE C 19 0.28 -8.47 24.46
CA ILE C 19 0.49 -7.67 25.67
C ILE C 19 0.62 -6.19 25.39
N ARG C 20 0.31 -5.82 24.16
CA ARG C 20 0.41 -4.45 23.67
C ARG C 20 -0.73 -3.60 24.27
N ARG C 21 -0.34 -2.59 25.03
CA ARG C 21 -1.28 -1.69 25.70
C ARG C 21 -1.16 -0.23 25.20
N GLY C 22 -1.08 -0.07 23.88
CA GLY C 22 -0.97 1.29 23.29
C GLY C 22 0.44 1.84 23.14
N ASP C 23 0.55 3.13 22.78
CA ASP C 23 1.85 3.77 22.62
C ASP C 23 2.54 3.94 23.96
N LYS C 24 3.88 3.92 23.95
CA LYS C 24 4.70 4.08 25.12
C LYS C 24 5.53 5.33 25.05
N GLU C 25 5.97 5.81 26.22
CA GLU C 25 6.81 7.02 26.32
C GLU C 25 8.08 6.97 25.46
N GLU C 26 8.86 5.89 25.54
CA GLU C 26 10.07 5.77 24.74
C GLU C 26 9.77 5.98 23.22
N GLU C 27 8.60 5.53 22.80
CA GLU C 27 8.17 5.53 21.40
C GLU C 27 7.84 6.97 21.00
N LEU C 28 7.05 7.64 21.85
CA LEU C 28 6.76 9.04 21.64
C LEU C 28 8.06 9.87 21.61
N LYS C 29 8.96 9.57 22.52
CA LYS C 29 10.17 10.32 22.63
C LYS C 29 11.04 10.18 21.39
N LYS C 30 11.06 8.98 20.82
CA LYS C 30 11.86 8.71 19.64
C LYS C 30 11.34 9.48 18.44
N ILE C 31 10.03 9.48 18.26
CA ILE C 31 9.44 10.29 17.19
C ILE C 31 9.78 11.77 17.34
N GLN C 32 9.66 12.31 18.56
CA GLN C 32 9.94 13.72 18.73
C GLN C 32 11.38 14.01 18.39
N GLU C 33 12.27 13.14 18.85
CA GLU C 33 13.69 13.24 18.53
C GLU C 33 13.97 13.24 17.03
N LYS C 34 13.33 12.37 16.28
CA LYS C 34 13.58 12.29 14.84
C LYS C 34 13.22 13.59 14.14
N ILE C 35 12.14 14.22 14.60
CA ILE C 35 11.66 15.48 14.03
C ILE C 35 12.57 16.65 14.45
N VAL C 36 12.72 16.83 15.76
CA VAL C 36 13.54 17.90 16.31
C VAL C 36 15.01 17.86 15.83
N ASN C 37 15.58 16.67 15.65
CA ASN C 37 16.98 16.57 15.24
C ASN C 37 17.23 16.42 13.72
N ALA C 38 16.18 16.55 12.92
CA ALA C 38 16.35 16.29 11.50
C ALA C 38 17.32 17.31 10.90
N LYS C 39 18.10 16.87 9.93
CA LYS C 39 19.13 17.73 9.36
C LYS C 39 18.72 18.18 7.98
N LYS C 40 17.83 17.40 7.37
CA LYS C 40 17.32 17.71 6.04
C LYS C 40 15.85 17.35 5.98
N ILE C 41 15.02 18.26 5.49
CA ILE C 41 13.57 17.98 5.39
C ILE C 41 13.19 18.32 3.95
N VAL C 42 12.39 17.44 3.37
CA VAL C 42 11.83 17.62 2.05
C VAL C 42 10.32 17.77 2.15
N VAL C 43 9.82 18.86 1.56
CA VAL C 43 8.39 19.10 1.48
C VAL C 43 7.91 18.70 0.07
N ALA C 44 6.90 17.82 0.04
CA ALA C 44 6.58 16.98 -1.14
C ALA C 44 5.61 17.65 -2.09
N THR C 45 6.07 18.79 -2.57
CA THR C 45 5.31 19.67 -3.43
C THR C 45 6.27 20.42 -4.36
N ASN C 46 5.68 21.05 -5.38
CA ASN C 46 6.40 22.07 -6.14
C ASN C 46 5.66 23.41 -6.00
N ASN C 47 4.65 23.42 -5.14
CA ASN C 47 3.85 24.62 -4.92
C ASN C 47 4.53 25.54 -3.92
N GLN C 48 4.92 26.73 -4.39
CA GLN C 48 5.68 27.64 -3.55
C GLN C 48 4.95 28.09 -2.26
N LYS C 49 3.64 28.28 -2.37
CA LYS C 49 2.87 28.87 -1.30
C LYS C 49 2.82 27.93 -0.11
N LYS C 50 2.43 26.69 -0.40
CA LYS C 50 2.46 25.54 0.51
C LYS C 50 3.87 25.31 1.12
N PHE C 51 4.92 25.32 0.29
CA PHE C 51 6.29 25.21 0.82
C PHE C 51 6.61 26.26 1.90
N LYS C 52 6.35 27.52 1.59
CA LYS C 52 6.76 28.58 2.53
C LYS C 52 6.10 28.44 3.91
N VAL C 53 4.84 27.99 3.89
CA VAL C 53 4.07 27.90 5.10
C VAL C 53 4.68 26.81 5.96
N ILE C 54 4.98 25.67 5.34
CA ILE C 54 5.59 24.53 6.03
C ILE C 54 6.97 24.88 6.60
N ARG C 55 7.87 25.37 5.75
CA ARG C 55 9.23 25.76 6.14
C ARG C 55 9.32 26.69 7.36
N ASP C 56 8.57 27.77 7.35
CA ASP C 56 8.65 28.76 8.43
C ASP C 56 8.28 28.16 9.79
N ILE C 57 7.28 27.27 9.78
CA ILE C 57 6.97 26.52 10.96
C ILE C 57 8.09 25.55 11.37
N MET C 58 8.49 24.68 10.46
CA MET C 58 9.53 23.67 10.79
C MET C 58 10.85 24.28 11.32
N LEU C 59 11.14 25.51 10.87
CA LEU C 59 12.37 26.16 11.37
C LEU C 59 12.18 26.60 12.83
N ARG C 60 10.95 26.65 13.33
CA ARG C 60 10.76 26.95 14.74
C ARG C 60 11.12 25.75 15.66
N VAL C 61 11.20 24.55 15.08
CA VAL C 61 11.38 23.31 15.81
C VAL C 61 12.64 22.53 15.58
N CYS C 62 13.29 22.76 14.44
CA CYS C 62 14.53 22.08 14.15
C CYS C 62 15.50 22.96 13.37
N ASN C 63 16.69 22.41 13.17
CA ASN C 63 17.77 23.11 12.54
C ASN C 63 18.15 22.52 11.20
N ALA C 64 17.16 22.25 10.37
CA ALA C 64 17.43 21.47 9.15
C ALA C 64 17.54 22.41 7.97
N GLU C 65 18.20 21.95 6.91
CA GLU C 65 17.99 22.45 5.58
C GLU C 65 16.62 21.91 5.10
N ILE C 66 15.72 22.78 4.63
CA ILE C 66 14.38 22.45 4.19
C ILE C 66 14.15 22.83 2.71
N LYS C 67 13.82 21.87 1.84
CA LYS C 67 13.60 22.15 0.40
C LYS C 67 12.36 21.48 -0.21
N MET C 68 11.85 22.01 -1.32
CA MET C 68 10.71 21.37 -1.98
C MET C 68 11.17 20.73 -3.27
N LEU C 69 10.29 19.97 -3.91
CA LEU C 69 10.61 19.19 -5.11
C LEU C 69 10.44 19.98 -6.39
N ASP C 70 11.18 19.60 -7.44
CA ASP C 70 11.02 20.24 -8.75
C ASP C 70 10.13 19.47 -9.74
N ILE C 71 9.37 18.51 -9.23
CA ILE C 71 8.30 17.90 -10.00
C ILE C 71 6.93 18.19 -9.33
N ASP C 72 5.89 18.29 -10.16
CA ASP C 72 4.53 18.37 -9.69
C ASP C 72 4.10 16.99 -9.21
N THR C 73 3.77 16.87 -7.92
CA THR C 73 3.20 15.61 -7.40
C THR C 73 1.67 15.44 -7.55
N ARG C 74 1.04 16.25 -8.40
CA ARG C 74 -0.44 16.14 -8.58
C ARG C 74 -0.91 14.76 -9.14
N PHE C 75 -0.04 14.09 -9.87
CA PHE C 75 -0.35 12.73 -10.35
C PHE C 75 -0.60 11.69 -9.23
N ALA C 76 -0.07 11.93 -8.03
CA ALA C 76 -0.46 11.16 -6.86
C ALA C 76 -2.00 11.15 -6.69
N ASP C 77 -2.68 12.15 -7.29
CA ASP C 77 -4.11 12.25 -7.12
C ASP C 77 -4.89 11.16 -7.82
N LEU C 78 -4.23 10.25 -8.58
CA LEU C 78 -4.97 9.07 -9.12
C LEU C 78 -4.89 7.85 -8.22
N THR C 79 -4.17 7.97 -7.09
CA THR C 79 -3.95 6.81 -6.22
C THR C 79 -4.96 6.86 -5.03
N ARG C 80 -5.03 5.76 -4.27
CA ARG C 80 -5.95 5.64 -3.17
C ARG C 80 -5.81 6.65 -2.01
N MET C 81 -4.56 6.96 -1.68
CA MET C 81 -4.28 7.91 -0.61
C MET C 81 -3.23 8.83 -1.16
N PRO C 82 -3.65 9.91 -1.87
CA PRO C 82 -2.79 10.83 -2.52
C PRO C 82 -1.70 11.47 -1.65
N ALA C 83 -2.05 11.97 -0.43
CA ALA C 83 -1.06 12.58 0.45
C ALA C 83 0.08 11.61 0.76
N LEU C 84 -0.24 10.35 1.04
CA LEU C 84 0.80 9.32 1.33
C LEU C 84 1.65 9.06 0.10
N THR C 85 1.00 8.95 -1.07
CA THR C 85 1.69 8.73 -2.32
C THR C 85 2.71 9.85 -2.58
N LYS C 86 2.28 11.09 -2.34
CA LYS C 86 3.17 12.23 -2.50
C LYS C 86 4.46 12.13 -1.62
N GLY C 87 4.31 11.82 -0.37
CA GLY C 87 5.45 11.49 0.55
C GLY C 87 6.44 10.42 -0.03
N LEU C 88 5.90 9.37 -0.57
CA LEU C 88 6.71 8.23 -1.09
C LEU C 88 7.37 8.56 -2.43
N ILE C 89 6.75 9.44 -3.20
CA ILE C 89 7.45 9.97 -4.39
C ILE C 89 8.69 10.79 -3.93
N ALA C 90 8.54 11.69 -2.96
CA ALA C 90 9.69 12.50 -2.52
C ALA C 90 10.79 11.57 -1.99
N LEU C 91 10.36 10.52 -1.26
CA LEU C 91 11.25 9.55 -0.61
C LEU C 91 12.06 8.86 -1.71
N ASP C 92 11.44 8.55 -2.82
CA ASP C 92 12.13 7.88 -3.92
C ASP C 92 13.18 8.77 -4.64
N ILE C 93 12.95 10.07 -4.69
CA ILE C 93 13.76 11.03 -5.49
C ILE C 93 14.65 12.00 -4.70
N GLU C 94 14.57 11.99 -3.37
CA GLU C 94 15.38 12.94 -2.59
C GLU C 94 15.86 12.28 -1.34
N LYS C 95 17.06 12.59 -0.88
CA LYS C 95 17.49 12.04 0.40
C LYS C 95 17.25 13.07 1.48
N ALA C 96 16.59 12.65 2.55
CA ALA C 96 16.29 13.51 3.67
C ALA C 96 16.02 12.68 4.92
N ASP C 97 16.02 13.35 6.07
CA ASP C 97 15.66 12.72 7.34
C ASP C 97 14.14 12.74 7.52
N LEU C 98 13.47 13.74 6.93
CA LEU C 98 11.99 13.79 7.02
C LEU C 98 11.35 14.24 5.75
N TYR C 99 10.12 13.75 5.52
CA TYR C 99 9.34 14.11 4.38
C TYR C 99 7.94 14.58 4.83
N ILE C 100 7.55 15.76 4.37
CA ILE C 100 6.28 16.31 4.67
C ILE C 100 5.44 16.40 3.39
N ALA C 101 4.24 15.82 3.42
CA ALA C 101 3.40 15.92 2.25
C ALA C 101 2.03 16.35 2.65
N ARG C 102 1.33 17.13 1.80
CA ARG C 102 -0.07 17.51 2.05
C ARG C 102 -0.92 17.34 0.76
N GLY C 103 -2.04 16.63 0.85
CA GLY C 103 -2.86 16.35 -0.34
C GLY C 103 -4.19 15.80 0.11
N ARG C 104 -5.01 15.37 -0.85
CA ARG C 104 -6.22 14.67 -0.52
C ARG C 104 -5.93 13.40 0.29
N LEU C 105 -6.77 13.18 1.31
CA LEU C 105 -6.74 12.01 2.19
C LEU C 105 -6.97 10.74 1.35
N GLY C 106 -8.12 10.71 0.67
CA GLY C 106 -8.58 9.43 0.17
C GLY C 106 -9.20 9.59 -1.18
N ALA C 107 -10.38 9.02 -1.34
CA ALA C 107 -11.20 9.18 -2.58
C ALA C 107 -11.53 10.68 -2.70
N PRO C 108 -11.78 11.17 -3.94
CA PRO C 108 -12.34 12.48 -4.18
C PRO C 108 -13.49 12.80 -3.20
N GLY C 109 -13.43 13.96 -2.54
CA GLY C 109 -14.48 14.37 -1.57
C GLY C 109 -14.10 14.21 -0.13
N SER C 110 -13.00 13.52 0.15
CA SER C 110 -12.59 13.04 1.48
C SER C 110 -11.75 14.04 2.33
N GLY C 111 -11.51 15.24 1.80
CA GLY C 111 -10.79 16.28 2.54
C GLY C 111 -9.29 16.06 2.47
N SER C 112 -8.58 16.79 3.35
CA SER C 112 -7.12 16.84 3.24
C SER C 112 -6.38 16.05 4.35
N MET C 113 -5.16 15.61 4.02
CA MET C 113 -4.19 14.98 4.96
C MET C 113 -2.82 15.64 4.80
N LEU C 114 -2.18 16.04 5.92
CA LEU C 114 -0.75 16.40 5.93
C LEU C 114 -0.04 15.22 6.68
N VAL C 115 1.03 14.69 6.14
CA VAL C 115 1.71 13.56 6.74
C VAL C 115 3.19 13.85 6.86
N ILE C 116 3.83 13.38 7.93
CA ILE C 116 5.25 13.43 8.11
C ILE C 116 5.79 11.99 8.07
N LEU C 117 6.77 11.79 7.20
CA LEU C 117 7.41 10.44 7.11
C LEU C 117 8.88 10.55 7.45
N ASP C 118 9.44 9.50 8.02
CA ASP C 118 10.89 9.45 8.27
C ASP C 118 11.67 8.89 7.05
N GLU C 119 12.97 8.73 7.26
CA GLU C 119 13.95 8.18 6.34
C GLU C 119 13.55 6.88 5.59
N LYS C 120 12.69 6.07 6.19
CA LYS C 120 12.32 4.78 5.54
C LYS C 120 10.86 4.73 5.14
N GLY C 121 10.23 5.86 5.05
CA GLY C 121 8.81 5.93 4.72
C GLY C 121 7.86 5.68 5.90
N ARG C 122 8.33 5.57 7.15
CA ARG C 122 7.36 5.33 8.22
C ARG C 122 6.50 6.56 8.50
N VAL C 123 5.21 6.36 8.69
CA VAL C 123 4.27 7.43 9.17
C VAL C 123 4.49 7.77 10.63
N LEU C 124 5.06 8.94 10.84
CA LEU C 124 5.35 9.45 12.17
C LEU C 124 4.15 10.23 12.79
N THR C 125 3.47 11.06 11.99
CA THR C 125 2.29 11.77 12.43
C THR C 125 1.56 12.30 11.17
N ALA C 126 0.37 12.89 11.35
CA ALA C 126 -0.45 13.39 10.22
C ALA C 126 -1.51 14.25 10.85
N SER C 127 -2.17 15.10 10.05
CA SER C 127 -3.42 15.66 10.48
C SER C 127 -4.30 15.88 9.26
N LEU C 128 -5.59 16.05 9.54
CA LEU C 128 -6.63 16.09 8.50
C LEU C 128 -7.37 17.42 8.66
N SER C 129 -7.93 17.89 7.55
CA SER C 129 -8.93 18.96 7.59
C SER C 129 -10.19 18.43 6.86
N PRO C 130 -11.38 19.05 7.05
CA PRO C 130 -12.58 18.60 6.37
C PRO C 130 -12.45 18.94 4.96
N SER C 131 -13.29 18.37 4.09
CA SER C 131 -13.45 18.85 2.70
C SER C 131 -13.58 20.37 2.60
N SER C 132 -12.72 20.95 1.75
CA SER C 132 -12.75 22.35 1.45
C SER C 132 -14.17 22.80 1.00
N VAL C 133 -14.98 21.86 0.49
CA VAL C 133 -16.38 22.14 0.10
C VAL C 133 -17.13 22.70 1.31
N ILE C 134 -16.80 22.16 2.49
CA ILE C 134 -17.38 22.57 3.77
C ILE C 134 -16.65 23.74 4.44
N HIS C 135 -15.45 23.52 4.98
CA HIS C 135 -14.72 24.58 5.73
C HIS C 135 -14.49 25.91 4.97
N LYS C 136 -14.33 25.82 3.66
CA LYS C 136 -13.95 26.94 2.76
C LYS C 136 -12.85 27.97 3.16
N GLU C 137 -11.80 27.52 3.86
CA GLU C 137 -10.72 28.40 4.36
C GLU C 137 -9.55 28.66 3.38
N ASP C 138 -8.80 29.73 3.63
CA ASP C 138 -7.59 30.00 2.84
C ASP C 138 -6.70 28.76 2.98
N ILE C 139 -6.17 28.22 1.88
CA ILE C 139 -5.35 27.03 1.99
C ILE C 139 -4.16 27.25 2.93
N GLU C 140 -3.56 28.45 2.89
CA GLU C 140 -2.33 28.72 3.66
C GLU C 140 -2.64 28.67 5.15
N GLU C 141 -3.81 29.17 5.53
CA GLU C 141 -4.25 29.10 6.94
C GLU C 141 -4.54 27.65 7.33
N ARG C 142 -5.18 26.90 6.44
CA ARG C 142 -5.42 25.45 6.61
C ARG C 142 -4.12 24.70 6.87
N ILE C 143 -3.09 24.95 6.06
CA ILE C 143 -1.88 24.10 6.12
C ILE C 143 -1.13 24.42 7.41
N LYS C 144 -1.20 25.68 7.82
CA LYS C 144 -0.63 26.07 9.09
C LYS C 144 -1.23 25.29 10.23
N LYS C 145 -2.57 25.32 10.35
CA LYS C 145 -3.32 24.51 11.33
C LYS C 145 -3.01 23.01 11.27
N GLU C 146 -3.00 22.42 10.07
CA GLU C 146 -2.58 21.01 9.88
C GLU C 146 -1.22 20.71 10.44
N LEU C 147 -0.20 21.54 10.15
CA LEU C 147 1.13 21.15 10.54
C LEU C 147 1.32 21.25 12.05
N ILE C 148 0.74 22.29 12.61
CA ILE C 148 0.85 22.55 14.05
C ILE C 148 0.10 21.46 14.82
N GLU C 149 -1.08 21.05 14.37
CA GLU C 149 -1.75 19.91 14.99
C GLU C 149 -0.96 18.58 14.81
N ALA C 150 -0.36 18.39 13.65
CA ALA C 150 0.43 17.14 13.39
C ALA C 150 1.63 17.10 14.36
N LEU C 151 2.21 18.27 14.66
CA LEU C 151 3.28 18.34 15.65
C LEU C 151 2.75 18.16 17.06
N SER C 152 1.62 18.80 17.33
CA SER C 152 1.12 18.89 18.76
C SER C 152 0.60 17.56 19.25
N ARG C 153 0.06 16.79 18.34
CA ARG C 153 -0.48 15.45 18.73
C ARG C 153 0.58 14.40 19.12
N ILE C 154 1.85 14.66 18.75
CA ILE C 154 3.02 13.85 19.19
C ILE C 154 3.99 14.64 20.15
N GLY C 155 3.49 15.73 20.76
CA GLY C 155 4.15 16.35 21.93
C GLY C 155 5.09 17.46 21.56
N ILE C 156 5.01 17.94 20.31
CA ILE C 156 5.95 18.97 19.86
C ILE C 156 5.19 20.27 19.87
N SER C 157 5.64 21.24 20.67
CA SER C 157 5.00 22.56 20.62
C SER C 157 5.79 23.52 19.71
N ILE C 158 5.09 24.35 18.95
CA ILE C 158 5.70 25.42 18.19
C ILE C 158 6.10 26.69 19.04
N LEU C 159 5.76 26.75 20.31
CA LEU C 159 6.01 28.00 21.04
C LEU C 159 6.83 27.87 22.33
N VAL D 2 -25.45 9.42 -10.88
CA VAL D 2 -24.08 9.08 -11.33
C VAL D 2 -23.43 8.20 -10.26
N VAL D 3 -22.86 7.11 -10.71
CA VAL D 3 -22.19 6.15 -9.87
C VAL D 3 -20.82 6.74 -9.40
N MET D 4 -20.39 6.36 -8.21
CA MET D 4 -19.09 6.76 -7.68
C MET D 4 -17.93 6.65 -8.70
N GLU D 5 -17.89 5.56 -9.48
CA GLU D 5 -16.81 5.37 -10.48
C GLU D 5 -16.75 6.50 -11.51
N GLU D 6 -17.91 6.96 -11.95
CA GLU D 6 -17.97 8.03 -12.94
C GLU D 6 -17.58 9.38 -12.31
N ILE D 7 -17.89 9.53 -11.04
CA ILE D 7 -17.50 10.71 -10.31
C ILE D 7 -15.98 10.76 -10.10
N ILE D 8 -15.41 9.60 -9.72
CA ILE D 8 -13.96 9.52 -9.59
C ILE D 8 -13.20 9.66 -10.93
N LYS D 9 -13.70 8.99 -11.97
CA LYS D 9 -13.16 9.25 -13.34
C LYS D 9 -13.00 10.72 -13.68
N LYS D 10 -14.01 11.53 -13.38
CA LYS D 10 -13.97 12.96 -13.65
C LYS D 10 -12.83 13.65 -12.85
N ALA D 11 -12.76 13.32 -11.54
CA ALA D 11 -11.67 13.87 -10.69
C ALA D 11 -10.31 13.49 -11.28
N PHE D 12 -10.20 12.23 -11.72
CA PHE D 12 -8.89 11.75 -12.25
C PHE D 12 -8.48 12.48 -13.55
N ILE D 13 -9.47 12.70 -14.42
CA ILE D 13 -9.23 13.47 -15.62
C ILE D 13 -8.82 14.91 -15.30
N GLU D 14 -9.48 15.51 -14.32
CA GLU D 14 -9.09 16.87 -13.96
C GLU D 14 -7.66 16.94 -13.42
N SER D 15 -7.22 15.88 -12.76
CA SER D 15 -5.92 15.89 -12.14
C SER D 15 -4.89 15.70 -13.25
N ILE D 16 -5.17 14.75 -14.13
CA ILE D 16 -4.25 14.51 -15.21
C ILE D 16 -4.02 15.79 -16.02
N ASN D 17 -5.08 16.55 -16.22
CA ASN D 17 -5.00 17.70 -17.15
C ASN D 17 -4.82 19.03 -16.48
N ASN D 18 -4.40 18.99 -15.22
CA ASN D 18 -4.02 20.19 -14.46
C ASN D 18 -5.15 21.21 -14.33
N ILE D 19 -6.38 20.72 -14.24
CA ILE D 19 -7.49 21.61 -13.89
C ILE D 19 -8.22 21.32 -12.59
N ARG D 20 -7.73 20.36 -11.79
CA ARG D 20 -8.28 19.99 -10.47
C ARG D 20 -8.15 21.10 -9.43
N ARG D 21 -9.28 21.60 -8.92
CA ARG D 21 -9.27 22.65 -7.86
C ARG D 21 -9.82 22.13 -6.52
N GLY D 22 -9.54 20.88 -6.22
CA GLY D 22 -10.01 20.34 -4.96
C GLY D 22 -11.36 19.66 -5.00
N ASP D 23 -11.82 19.20 -3.83
CA ASP D 23 -13.07 18.43 -3.72
C ASP D 23 -14.28 19.18 -4.30
N LYS D 24 -15.25 18.44 -4.83
CA LYS D 24 -16.40 19.13 -5.44
C LYS D 24 -17.69 18.68 -4.78
N GLU D 25 -18.73 19.49 -4.91
CA GLU D 25 -19.93 19.20 -4.16
C GLU D 25 -20.54 17.84 -4.48
N GLU D 26 -20.63 17.53 -5.78
CA GLU D 26 -21.10 16.18 -6.22
C GLU D 26 -20.35 15.03 -5.49
N GLU D 27 -19.03 15.20 -5.33
CA GLU D 27 -18.18 14.16 -4.66
C GLU D 27 -18.50 14.00 -3.18
N LEU D 28 -18.59 15.11 -2.49
CA LEU D 28 -18.97 15.06 -1.08
C LEU D 28 -20.35 14.41 -0.91
N LYS D 29 -21.27 14.76 -1.81
CA LYS D 29 -22.62 14.26 -1.74
C LYS D 29 -22.63 12.73 -1.92
N LYS D 30 -21.77 12.24 -2.78
CA LYS D 30 -21.82 10.81 -3.03
C LYS D 30 -21.27 10.01 -1.83
N ILE D 31 -20.28 10.58 -1.20
CA ILE D 31 -19.74 10.10 0.07
C ILE D 31 -20.77 10.00 1.17
N GLN D 32 -21.50 11.09 1.39
CA GLN D 32 -22.58 11.14 2.36
C GLN D 32 -23.60 10.08 2.07
N GLU D 33 -24.00 10.02 0.80
CA GLU D 33 -24.99 9.07 0.31
C GLU D 33 -24.54 7.66 0.61
N LYS D 34 -23.26 7.33 0.41
CA LYS D 34 -22.80 5.97 0.61
C LYS D 34 -22.90 5.57 2.08
N ILE D 35 -22.61 6.52 2.97
CA ILE D 35 -22.63 6.22 4.39
C ILE D 35 -24.07 6.13 4.92
N VAL D 36 -24.84 7.20 4.71
CA VAL D 36 -26.23 7.30 5.16
C VAL D 36 -27.08 6.11 4.65
N ASN D 37 -26.85 5.74 3.39
CA ASN D 37 -27.58 4.63 2.73
C ASN D 37 -27.01 3.22 2.90
N ALA D 38 -25.96 3.08 3.70
CA ALA D 38 -25.31 1.79 3.88
C ALA D 38 -26.35 0.85 4.45
N LYS D 39 -26.40 -0.37 3.92
CA LYS D 39 -27.37 -1.35 4.38
C LYS D 39 -26.68 -2.33 5.31
N LYS D 40 -25.37 -2.49 5.14
CA LYS D 40 -24.60 -3.36 6.03
C LYS D 40 -23.22 -2.76 6.35
N ILE D 41 -22.84 -2.80 7.62
CA ILE D 41 -21.62 -2.15 8.08
C ILE D 41 -20.87 -3.17 8.90
N VAL D 42 -19.56 -3.26 8.69
CA VAL D 42 -18.73 -4.18 9.43
C VAL D 42 -17.66 -3.40 10.18
N VAL D 43 -17.45 -3.69 11.45
CA VAL D 43 -16.50 -2.90 12.29
C VAL D 43 -15.35 -3.86 12.54
N ALA D 44 -14.13 -3.46 12.16
CA ALA D 44 -12.96 -4.33 11.97
C ALA D 44 -12.24 -4.60 13.25
N THR D 45 -12.99 -5.20 14.18
CA THR D 45 -12.51 -5.44 15.53
C THR D 45 -13.21 -6.69 16.03
N ASN D 46 -12.69 -7.31 17.09
CA ASN D 46 -13.41 -8.35 17.82
C ASN D 46 -13.61 -7.89 19.27
N ASN D 47 -13.28 -6.63 19.52
CA ASN D 47 -13.33 -6.07 20.84
C ASN D 47 -14.69 -5.44 21.05
N GLN D 48 -15.48 -6.04 21.93
CA GLN D 48 -16.87 -5.66 22.08
C GLN D 48 -17.06 -4.24 22.60
N LYS D 49 -16.05 -3.71 23.29
CA LYS D 49 -16.15 -2.38 23.89
C LYS D 49 -16.21 -1.33 22.81
N LYS D 50 -15.18 -1.37 21.96
CA LYS D 50 -15.08 -0.50 20.80
C LYS D 50 -16.34 -0.62 19.93
N PHE D 51 -16.67 -1.85 19.51
CA PHE D 51 -17.86 -2.12 18.69
C PHE D 51 -19.10 -1.38 19.15
N LYS D 52 -19.41 -1.44 20.44
CA LYS D 52 -20.67 -0.86 20.92
C LYS D 52 -20.70 0.66 20.73
N VAL D 53 -19.57 1.30 21.02
CA VAL D 53 -19.44 2.76 20.86
C VAL D 53 -19.71 3.16 19.39
N ILE D 54 -19.09 2.41 18.46
CA ILE D 54 -19.25 2.64 17.05
C ILE D 54 -20.68 2.42 16.57
N ARG D 55 -21.19 1.23 16.90
CA ARG D 55 -22.53 0.80 16.49
C ARG D 55 -23.60 1.77 16.90
N ASP D 56 -23.56 2.22 18.15
CA ASP D 56 -24.61 3.11 18.67
C ASP D 56 -24.70 4.43 17.89
N ILE D 57 -23.53 5.01 17.63
CA ILE D 57 -23.44 6.24 16.82
C ILE D 57 -23.95 6.02 15.38
N MET D 58 -23.44 4.97 14.71
CA MET D 58 -23.85 4.68 13.35
C MET D 58 -25.35 4.47 13.20
N LEU D 59 -25.97 3.92 14.24
CA LEU D 59 -27.44 3.72 14.25
C LEU D 59 -28.26 5.01 14.25
N ARG D 60 -27.65 6.10 14.69
CA ARG D 60 -28.29 7.40 14.57
C ARG D 60 -28.25 7.98 13.15
N VAL D 61 -27.39 7.44 12.26
CA VAL D 61 -27.22 7.96 10.88
C VAL D 61 -27.73 7.10 9.73
N CYS D 62 -27.72 5.79 9.92
CA CYS D 62 -28.21 4.90 8.89
C CYS D 62 -29.01 3.74 9.44
N ASN D 63 -29.60 3.01 8.51
CA ASN D 63 -30.50 1.91 8.84
C ASN D 63 -29.85 0.60 8.43
N ALA D 64 -28.60 0.42 8.83
CA ALA D 64 -27.86 -0.75 8.40
C ALA D 64 -27.94 -1.76 9.50
N GLU D 65 -27.73 -3.00 9.10
CA GLU D 65 -27.28 -4.03 10.00
C GLU D 65 -25.77 -3.78 10.26
N ILE D 66 -25.38 -3.80 11.53
CA ILE D 66 -23.98 -3.52 11.93
C ILE D 66 -23.39 -4.66 12.78
N LYS D 67 -22.25 -5.25 12.35
CA LYS D 67 -21.59 -6.38 13.05
C LYS D 67 -20.08 -6.23 13.18
N MET D 68 -19.42 -7.02 14.05
CA MET D 68 -17.95 -6.95 14.16
C MET D 68 -17.28 -8.21 13.64
N LEU D 69 -15.96 -8.36 13.79
CA LEU D 69 -15.29 -9.58 13.33
C LEU D 69 -15.12 -10.66 14.41
N ASP D 70 -14.83 -11.90 13.97
CA ASP D 70 -14.64 -13.06 14.87
C ASP D 70 -13.16 -13.34 15.18
N ILE D 71 -12.28 -12.71 14.41
CA ILE D 71 -10.83 -12.81 14.64
C ILE D 71 -10.28 -11.50 15.22
N ASP D 72 -9.12 -11.63 15.89
CA ASP D 72 -8.41 -10.49 16.43
C ASP D 72 -7.62 -9.80 15.31
N THR D 73 -7.89 -8.52 15.10
CA THR D 73 -7.14 -7.81 14.06
C THR D 73 -5.87 -7.09 14.61
N ARG D 74 -5.49 -7.38 15.86
CA ARG D 74 -4.24 -6.87 16.45
C ARG D 74 -2.98 -7.13 15.61
N PHE D 75 -2.95 -8.18 14.81
CA PHE D 75 -1.79 -8.45 13.94
C PHE D 75 -1.52 -7.38 12.86
N ALA D 76 -2.55 -6.61 12.52
CA ALA D 76 -2.42 -5.43 11.65
C ALA D 76 -1.38 -4.47 12.26
N ASP D 77 -1.06 -4.71 13.53
CA ASP D 77 -0.18 -3.85 14.26
C ASP D 77 1.26 -3.99 13.91
N LEU D 78 1.56 -4.93 13.02
CA LEU D 78 2.91 -5.11 12.47
C LEU D 78 3.09 -4.46 11.11
N THR D 79 2.05 -3.81 10.62
CA THR D 79 2.08 -3.16 9.33
C THR D 79 2.30 -1.66 9.50
N ARG D 80 2.58 -1.00 8.38
CA ARG D 80 2.97 0.42 8.37
C ARG D 80 1.85 1.34 8.88
N MET D 81 0.63 0.99 8.50
CA MET D 81 -0.52 1.77 8.83
C MET D 81 -1.56 0.79 9.32
N PRO D 82 -1.51 0.46 10.60
CA PRO D 82 -2.38 -0.60 11.15
C PRO D 82 -3.92 -0.40 11.03
N ALA D 83 -4.42 0.77 11.33
CA ALA D 83 -5.88 1.02 11.17
C ALA D 83 -6.30 0.67 9.78
N LEU D 84 -5.59 1.19 8.78
CA LEU D 84 -5.94 0.87 7.41
C LEU D 84 -5.90 -0.63 7.09
N THR D 85 -4.89 -1.33 7.63
CA THR D 85 -4.69 -2.75 7.38
C THR D 85 -5.93 -3.50 7.91
N LYS D 86 -6.43 -3.03 9.05
CA LYS D 86 -7.54 -3.67 9.73
C LYS D 86 -8.76 -3.58 8.90
N GLY D 87 -8.97 -2.39 8.33
CA GLY D 87 -10.09 -2.18 7.37
C GLY D 87 -9.98 -3.11 6.16
N LEU D 88 -8.80 -3.31 5.60
CA LEU D 88 -8.71 -4.21 4.41
C LEU D 88 -8.86 -5.67 4.83
N ILE D 89 -8.51 -6.01 6.08
CA ILE D 89 -8.67 -7.41 6.55
C ILE D 89 -10.19 -7.67 6.52
N ALA D 90 -10.96 -6.75 7.10
CA ALA D 90 -12.42 -6.90 7.22
C ALA D 90 -13.03 -6.99 5.83
N LEU D 91 -12.56 -6.14 4.90
CA LEU D 91 -12.98 -6.19 3.46
C LEU D 91 -12.70 -7.57 2.80
N ASP D 92 -11.60 -8.20 3.17
CA ASP D 92 -11.23 -9.51 2.58
C ASP D 92 -12.16 -10.61 3.10
N ILE D 93 -12.65 -10.48 4.35
CA ILE D 93 -13.40 -11.60 5.00
C ILE D 93 -14.88 -11.47 5.14
N GLU D 94 -15.43 -10.29 4.86
CA GLU D 94 -16.87 -10.01 5.12
C GLU D 94 -17.42 -9.11 4.04
N LYS D 95 -18.63 -9.40 3.55
CA LYS D 95 -19.21 -8.51 2.52
C LYS D 95 -19.99 -7.48 3.27
N ALA D 96 -19.80 -6.21 2.90
CA ALA D 96 -20.50 -5.07 3.47
C ALA D 96 -20.49 -3.91 2.52
N ASP D 97 -21.24 -2.89 2.90
CA ASP D 97 -21.26 -1.61 2.20
C ASP D 97 -20.21 -0.68 2.73
N LEU D 98 -19.89 -0.80 4.02
CA LEU D 98 -18.95 0.14 4.68
C LEU D 98 -18.13 -0.63 5.71
N TYR D 99 -16.88 -0.24 5.93
CA TYR D 99 -16.06 -0.90 6.90
C TYR D 99 -15.48 0.18 7.78
N ILE D 100 -15.55 -0.03 9.08
CA ILE D 100 -15.02 0.97 10.00
C ILE D 100 -13.92 0.31 10.85
N ALA D 101 -12.75 0.95 10.85
CA ALA D 101 -11.64 0.44 11.61
C ALA D 101 -11.02 1.49 12.48
N ARG D 102 -10.57 1.06 13.64
CA ARG D 102 -9.83 1.96 14.46
C ARG D 102 -8.60 1.28 15.01
N GLY D 103 -7.48 1.93 14.83
CA GLY D 103 -6.22 1.47 15.49
C GLY D 103 -5.10 2.49 15.38
N ARG D 104 -3.84 2.04 15.50
CA ARG D 104 -2.71 2.97 15.39
C ARG D 104 -2.56 3.55 13.95
N LEU D 105 -2.22 4.84 13.85
CA LEU D 105 -2.04 5.53 12.57
C LEU D 105 -0.90 4.93 11.75
N GLY D 106 0.30 4.85 12.34
CA GLY D 106 1.51 4.43 11.59
C GLY D 106 2.50 3.78 12.54
N ALA D 107 3.68 4.38 12.71
CA ALA D 107 4.69 3.82 13.62
C ALA D 107 4.20 3.80 15.09
N PRO D 108 4.78 2.90 15.92
CA PRO D 108 4.54 3.00 17.36
C PRO D 108 4.81 4.41 17.82
N GLY D 109 3.93 4.99 18.60
CA GLY D 109 4.15 6.37 19.02
C GLY D 109 3.27 7.36 18.29
N SER D 110 2.64 6.96 17.19
CA SER D 110 1.99 7.90 16.26
C SER D 110 0.52 8.17 16.56
N GLY D 111 -0.04 7.63 17.62
CA GLY D 111 -1.47 7.95 17.93
C GLY D 111 -2.41 7.11 17.09
N SER D 112 -3.68 7.51 17.00
CA SER D 112 -4.70 6.61 16.54
C SER D 112 -5.37 7.17 15.30
N MET D 113 -5.95 6.27 14.51
CA MET D 113 -6.69 6.62 13.30
C MET D 113 -7.97 5.81 13.25
N LEU D 114 -9.08 6.44 12.89
CA LEU D 114 -10.29 5.66 12.68
C LEU D 114 -10.59 5.97 11.28
N VAL D 115 -10.93 4.94 10.49
CA VAL D 115 -11.11 5.12 9.05
C VAL D 115 -12.37 4.40 8.63
N ILE D 116 -13.05 4.96 7.63
CA ILE D 116 -14.28 4.41 7.05
C ILE D 116 -13.95 4.12 5.59
N LEU D 117 -14.05 2.88 5.22
CA LEU D 117 -13.86 2.46 3.84
C LEU D 117 -15.19 2.08 3.19
N ASP D 118 -15.24 2.20 1.84
CA ASP D 118 -16.41 1.60 1.12
C ASP D 118 -16.18 0.14 0.70
N GLU D 119 -17.11 -0.37 -0.10
CA GLU D 119 -17.13 -1.77 -0.40
C GLU D 119 -15.96 -2.29 -1.31
N LYS D 120 -15.20 -1.36 -1.95
CA LYS D 120 -13.98 -1.59 -2.77
C LYS D 120 -12.68 -1.16 -1.99
N GLY D 121 -12.78 -0.86 -0.69
CA GLY D 121 -11.62 -0.45 0.00
C GLY D 121 -11.24 1.03 -0.20
N ARG D 122 -12.13 1.87 -0.77
CA ARG D 122 -11.78 3.33 -0.88
C ARG D 122 -11.85 4.04 0.50
N VAL D 123 -10.91 4.94 0.81
CA VAL D 123 -10.99 5.81 2.00
C VAL D 123 -11.93 6.99 1.84
N LEU D 124 -13.00 6.93 2.59
CA LEU D 124 -14.04 7.88 2.44
C LEU D 124 -13.78 8.99 3.43
N THR D 125 -13.31 8.63 4.62
CA THR D 125 -13.12 9.57 5.68
C THR D 125 -12.28 8.93 6.82
N ALA D 126 -11.73 9.75 7.71
CA ALA D 126 -10.90 9.27 8.80
C ALA D 126 -10.84 10.37 9.85
N SER D 127 -10.34 10.05 11.04
CA SER D 127 -10.03 11.09 12.00
C SER D 127 -8.98 10.49 12.93
N LEU D 128 -8.27 11.37 13.63
CA LEU D 128 -7.08 10.95 14.35
C LEU D 128 -7.23 11.41 15.80
N SER D 129 -6.58 10.70 16.75
CA SER D 129 -6.34 11.27 18.08
C SER D 129 -4.83 11.36 18.37
N PRO D 130 -4.45 12.26 19.31
CA PRO D 130 -3.11 12.33 19.81
C PRO D 130 -2.78 11.02 20.45
N SER D 131 -1.50 10.73 20.56
CA SER D 131 -1.03 9.52 21.18
C SER D 131 -1.64 9.45 22.57
N SER D 132 -2.17 8.29 22.94
CA SER D 132 -2.74 8.10 24.29
C SER D 132 -1.76 8.45 25.44
N VAL D 133 -0.47 8.39 25.15
CA VAL D 133 0.56 8.81 26.07
C VAL D 133 0.33 10.27 26.44
N ILE D 134 -0.21 11.02 25.48
CA ILE D 134 -0.51 12.45 25.65
C ILE D 134 -1.92 12.71 26.18
N HIS D 135 -2.96 12.43 25.39
CA HIS D 135 -4.34 12.75 25.82
C HIS D 135 -4.86 12.07 27.11
N LYS D 136 -4.43 10.82 27.35
CA LYS D 136 -4.91 9.93 28.43
C LYS D 136 -6.43 9.87 28.76
N GLU D 137 -7.27 10.00 27.75
CA GLU D 137 -8.73 9.88 27.87
C GLU D 137 -9.10 8.38 27.86
N ASP D 138 -10.25 8.07 28.44
CA ASP D 138 -10.92 6.77 28.31
C ASP D 138 -11.05 6.39 26.82
N ILE D 139 -10.70 5.16 26.47
CA ILE D 139 -10.67 4.81 25.07
C ILE D 139 -12.06 5.00 24.48
N GLU D 140 -13.08 4.84 25.33
CA GLU D 140 -14.48 4.92 24.90
C GLU D 140 -14.87 6.30 24.45
N GLU D 141 -14.44 7.28 25.21
CA GLU D 141 -14.74 8.66 24.90
C GLU D 141 -13.96 9.09 23.67
N ARG D 142 -12.72 8.56 23.54
CA ARG D 142 -11.84 8.87 22.39
C ARG D 142 -12.47 8.40 21.06
N ILE D 143 -12.85 7.13 20.99
CA ILE D 143 -13.48 6.54 19.79
C ILE D 143 -14.76 7.27 19.41
N LYS D 144 -15.55 7.65 20.42
CA LYS D 144 -16.72 8.44 20.16
C LYS D 144 -16.38 9.77 19.49
N LYS D 145 -15.43 10.53 20.05
CA LYS D 145 -15.00 11.79 19.43
C LYS D 145 -14.44 11.55 18.02
N GLU D 146 -13.71 10.46 17.85
CA GLU D 146 -13.11 10.12 16.54
C GLU D 146 -14.18 9.87 15.47
N LEU D 147 -15.17 9.05 15.80
CA LEU D 147 -16.24 8.74 14.86
C LEU D 147 -17.03 9.96 14.43
N ILE D 148 -17.35 10.75 15.43
CA ILE D 148 -18.16 11.92 15.20
C ILE D 148 -17.46 12.91 14.30
N GLU D 149 -16.16 13.09 14.51
CA GLU D 149 -15.36 13.99 13.68
C GLU D 149 -15.17 13.44 12.27
N ALA D 150 -14.89 12.15 12.14
CA ALA D 150 -14.88 11.51 10.81
C ALA D 150 -16.19 11.75 10.03
N LEU D 151 -17.36 11.77 10.71
CA LEU D 151 -18.60 12.05 10.00
C LEU D 151 -18.81 13.54 9.71
N SER D 152 -18.64 14.41 10.69
CA SER D 152 -18.76 15.89 10.50
C SER D 152 -17.82 16.43 9.42
N ARG D 153 -16.67 15.83 9.25
CA ARG D 153 -15.77 16.41 8.29
C ARG D 153 -16.20 16.14 6.83
N ILE D 154 -17.15 15.24 6.63
CA ILE D 154 -17.75 15.08 5.32
C ILE D 154 -19.27 15.50 5.30
N GLY D 155 -19.65 16.36 6.27
CA GLY D 155 -21.00 17.01 6.31
C GLY D 155 -22.08 16.16 6.91
N ILE D 156 -21.72 15.18 7.72
CA ILE D 156 -22.74 14.31 8.34
C ILE D 156 -22.78 14.67 9.82
N SER D 157 -23.90 15.24 10.24
CA SER D 157 -24.12 15.49 11.67
C SER D 157 -24.94 14.37 12.35
N ILE D 158 -24.53 14.01 13.56
CA ILE D 158 -25.33 13.12 14.41
C ILE D 158 -26.51 13.85 15.08
N LEU D 159 -26.76 15.10 14.67
CA LEU D 159 -27.75 16.03 15.26
C LEU D 159 -27.31 16.68 16.54
N1 FEG E . 9.86 -0.15 -17.13
C2 FEG E . 9.13 1.07 -17.15
O2 FEG E . 9.72 2.25 -16.86
C3 FEG E . 7.70 1.16 -17.53
C3M FEG E . 6.97 2.50 -17.53
C4 FEG E . 7.05 -0.11 -17.92
C5 FEG E . 7.87 -1.40 -17.82
C5M FEG E . 7.19 -2.73 -18.16
C6 FEG E . 9.27 -1.34 -17.44
C7 FEG E . 10.12 -2.62 -17.40
C8 FEG E . 10.88 -2.84 -18.67
O28 FEG E . 11.19 -4.03 -18.94
O18 FEG E . 11.21 -1.87 -19.42
O3P FEG E . 5.69 -0.10 -18.20
P1 FEG E . 4.90 -0.28 -19.60
O1P FEG E . 4.33 -1.69 -19.87
O2P FEG E . 3.84 0.81 -19.54
O5S FEG E . 5.99 0.19 -20.69
C5S FEG E . 6.34 1.54 -21.00
C4S FEG E . 7.10 1.45 -22.35
C3S FEG E . 6.49 0.65 -23.48
O3S FEG E . 5.76 1.58 -24.27
C2S FEG E . 7.70 0.24 -24.30
O2S FEG E . 8.14 1.44 -24.98
C1S FEG E . 8.73 -0.11 -23.23
O4S FEG E . 8.36 0.77 -22.15
N9A FEG E . 8.55 -1.55 -22.85
C8A FEG E . 7.95 -2.00 -21.71
N7A FEG E . 7.92 -3.37 -21.70
C5A FEG E . 8.49 -3.79 -22.85
C4A FEG E . 8.90 -2.58 -23.61
C6A FEG E . 8.80 -5.12 -23.46
O6A FEG E . 8.44 -6.21 -22.92
N1A FEG E . 9.37 -5.10 -24.66
C2A FEG E . 9.76 -3.96 -25.31
N3A FEG E . 9.51 -2.71 -24.83
N2A FEG E . 10.40 -4.12 -26.50
N1 FEG F . 0.48 -19.84 0.23
C2 FEG F . 0.39 -19.54 1.53
O2 FEG F . -0.79 -19.52 2.15
C3 FEG F . 1.54 -19.15 2.41
C3M FEG F . 1.32 -18.83 3.87
C4 FEG F . 2.85 -19.10 1.75
C5 FEG F . 2.91 -19.42 0.31
C5M FEG F . 4.23 -19.32 -0.34
C6 FEG F . 1.68 -19.79 -0.40
C7 FEG F . 1.78 -20.09 -1.87
C8 FEG F . 1.86 -21.56 -2.16
O28 FEG F . 2.33 -21.85 -3.28
O18 FEG F . 1.39 -22.39 -1.32
O3P FEG F . 3.99 -18.70 2.39
P1 FEG F . 5.25 -19.42 2.97
O1P FEG F . 6.46 -19.25 2.07
O2P FEG F . 5.28 -18.83 4.34
O5S FEG F . 4.60 -20.92 2.99
C5S FEG F . 3.82 -21.33 4.12
C4S FEG F . 3.69 -22.84 4.16
C3S FEG F . 5.04 -23.50 4.09
O3S FEG F . 5.53 -23.73 5.41
C2S FEG F . 4.72 -24.81 3.39
O2S FEG F . 3.98 -25.63 4.29
C1S FEG F . 3.72 -24.36 2.34
O4S FEG F . 3.07 -23.27 2.95
N9A FEG F . 4.52 -23.98 1.14
C8A FEG F . 4.84 -22.72 0.76
N7A FEG F . 5.60 -22.72 -0.34
C5A FEG F . 5.77 -24.01 -0.70
C4A FEG F . 5.06 -24.84 0.30
C6A FEG F . 6.45 -24.74 -1.77
O6A FEG F . 7.05 -24.08 -2.63
N1A FEG F . 6.40 -26.09 -1.80
C2A FEG F . 5.70 -26.82 -0.86
N3A FEG F . 5.07 -26.19 0.17
N2A FEG F . 5.67 -28.17 -0.91
N1 FEG G . -9.10 17.23 -2.71
C2 FEG G . -8.38 17.10 -3.87
O2 FEG G . -8.96 16.60 -4.93
C3 FEG G . -6.95 17.49 -3.97
C3M FEG G . -6.16 17.37 -5.26
C4 FEG G . -6.32 18.02 -2.74
C5 FEG G . -7.14 18.14 -1.49
C5M FEG G . -6.46 18.67 -0.29
C6 FEG G . -8.57 17.73 -1.55
C7 FEG G . -9.47 17.79 -0.33
C8 FEG G . -10.12 19.10 -0.14
O28 FEG G . -10.35 19.43 1.06
O18 FEG G . -10.38 19.80 -1.16
O3P FEG G . -4.99 18.32 -2.73
P1 FEG G . -4.15 19.66 -2.74
O1P FEG G . -3.58 19.91 -1.33
O2P FEG G . -3.16 19.44 -3.86
O5S FEG G . -5.34 20.67 -3.15
C5S FEG G . -5.48 20.94 -4.55
C4S FEG G . -6.33 22.20 -4.76
C3S FEG G . -5.73 23.41 -4.11
O3S FEG G . -4.77 23.99 -4.99
C2S FEG G . -6.95 24.29 -3.94
O2S FEG G . -7.18 24.90 -5.23
C1S FEG G . -8.04 23.30 -3.55
O4S FEG G . -7.63 22.09 -4.18
N9A FEG G . -7.89 23.13 -2.10
C8A FEG G . -7.31 22.10 -1.45
N7A FEG G . -7.29 22.30 -0.12
C5A FEG G . -7.85 23.50 0.11
C4A FEG G . -8.23 24.06 -1.20
C6A FEG G . -8.14 24.33 1.31
O6A FEG G . -7.81 23.94 2.45
N1A FEG G . -8.73 25.54 1.09
C2A FEG G . -9.08 26.00 -0.15
N3A FEG G . -8.83 25.29 -1.27
N2A FEG G . -9.69 27.22 -0.31
N1 FEG H . -0.88 2.59 19.57
C2 FEG H . -0.81 1.20 19.42
O2 FEG H . 0.36 0.55 19.60
C3 FEG H . -2.02 0.39 19.08
C3M FEG H . -1.99 -1.11 18.93
C4 FEG H . -3.30 1.15 18.87
C5 FEG H . -3.28 2.65 19.02
C5M FEG H . -4.55 3.42 18.81
C6 FEG H . -2.00 3.33 19.39
C7 FEG H . -1.94 4.83 19.55
C8 FEG H . -2.13 5.29 20.99
O28 FEG H . -2.64 6.42 21.16
O18 FEG H . -1.80 4.56 21.96
O3P FEG H . -4.45 0.47 18.51
P1 FEG H . -5.77 0.02 19.33
O1P FEG H . -6.89 0.92 18.87
O2P FEG H . -5.90 -1.49 19.23
O5S FEG H . -5.47 0.36 20.89
C5S FEG H . -4.61 -0.61 21.53
C4S FEG H . -4.61 -0.49 23.05
C3S FEG H . -5.98 -0.26 23.63
O3S FEG H . -6.64 -1.52 23.78
C2S FEG H . -5.59 0.44 24.92
O2S FEG H . -4.89 -0.45 25.83
C1S FEG H . -4.52 1.42 24.41
O4S FEG H . -3.85 0.64 23.45
N9A FEG H . -5.13 2.62 23.80
C8A FEG H . -5.23 2.90 22.46
N7A FEG H . -5.92 4.06 22.24
C5A FEG H . -6.26 4.56 23.48
C4A FEG H . -5.77 3.58 24.50
C6A FEG H . -6.99 5.75 24.02
O6A FEG H . -7.48 6.63 23.22
N1A FEG H . -7.18 5.85 25.37
C2A FEG H . -6.70 4.93 26.25
N3A FEG H . -6.02 3.82 25.84
N2A FEG H . -6.90 5.12 27.58
#